data_7KUT
#
_entry.id   7KUT
#
_cell.length_a   80.248
_cell.length_b   80.248
_cell.length_c   245.960
_cell.angle_alpha   90.000
_cell.angle_beta   90.000
_cell.angle_gamma   120.000
#
_symmetry.space_group_name_H-M   'P 31 2 1'
#
loop_
_entity.id
_entity.type
_entity.pdbx_description
1 polymer 'Polyamine deacetylase HDAC10'
2 non-polymer 1,2-ETHANEDIOL
3 non-polymer 1-[(4-aminobutyl)amino]ethane-1,1-diol
4 non-polymer DI(HYDROXYETHYL)ETHER
5 non-polymer 'ZINC ION'
6 non-polymer 'POTASSIUM ION'
7 non-polymer 'PHOSPHATE ION'
8 non-polymer 'SODIUM ION'
9 water water
#
_entity_poly.entity_id   1
_entity_poly.type   'polypeptide(L)'
_entity_poly.pdbx_seq_one_letter_code
;SNAASGSALIFDEEMSRYKLLWTDPECEIEVPERLTVSYEALRTHGLAQRCKAVPVRQATEQEILLAHSEEYLEAVKQTP
GMNVEELMAFSKKYNAVYFHQNIYHCAKLAAGATLQLVDSVMKREVRNGMALVRPPGHASQRSAANGFCVFNNVAFAALY
AKKNYNLNRILIVDWDVHHGQGIQYCFEEDPSVLYFSWHRYEHQSFWPNLPESDYSSVGKGKGSGFNINLPWNKVGMTNS
DYLAAFFHVLLPVAYEFDPELVIVSAGFDSAIGDPEGEMCALPEIFAHLTHLLMPLAAGKMCVVLEGGYNLTSLGQSVCQ
TVHSLLGDPTPRISGLGTACDSALESIQNVRNVQSSYWSSFKHLAQSETNPKRPRLDATNGGPKESSEPASESNPKKTAQ
DIVWPEPLKRMPASVRTVVVPPPGVELTLPKNCQHSGDISESTAKEVQRIRDKHFHDLTDQNILRSLGNIISVLDRMMRS
DEVCNGCVVVSDLSVSVQCALQHALTEPAERVLVVYVGDGELPVKTNDGKVFLVQICTKETEDKCVNRLTLCLREGESLT
AGFMQALLGLILPVAYEFNPALVLGIVEETAAKTRLMRVWGHMTCLIQGLARGRMLTLLQGYDKDLLELTVSALSGASIS
PLGPLRAPKPEDVEMMEKQRQRLQERWGLLRCTVSESW
;
_entity_poly.pdbx_strand_id   A
#
# COMPACT_ATOMS: atom_id res chain seq x y z
N ALA A 3 15.77 -15.68 3.41
CA ALA A 3 14.93 -14.50 3.28
C ALA A 3 14.00 -14.39 4.48
N ALA A 4 13.73 -13.18 4.93
CA ALA A 4 13.14 -12.98 6.24
C ALA A 4 11.64 -13.26 6.24
N SER A 5 11.12 -13.55 7.43
CA SER A 5 9.74 -13.95 7.61
C SER A 5 9.25 -13.39 8.94
N GLY A 6 7.94 -13.21 9.05
CA GLY A 6 7.35 -12.73 10.27
C GLY A 6 7.24 -11.20 10.35
N SER A 7 6.41 -10.75 11.28
CA SER A 7 6.12 -9.34 11.50
C SER A 7 6.39 -9.02 12.96
N ALA A 8 7.20 -7.99 13.22
CA ALA A 8 7.42 -7.56 14.59
C ALA A 8 6.27 -6.69 15.06
N LEU A 9 5.89 -6.86 16.34
CA LEU A 9 5.00 -5.93 17.02
C LEU A 9 5.72 -5.43 18.25
N ILE A 10 5.97 -4.14 18.30
CA ILE A 10 6.70 -3.55 19.42
C ILE A 10 5.70 -2.73 20.23
N PHE A 11 5.59 -3.05 21.51
CA PHE A 11 4.60 -2.42 22.38
C PHE A 11 5.07 -2.58 23.81
N ASP A 12 4.72 -1.62 24.65
CA ASP A 12 4.92 -1.75 26.10
C ASP A 12 3.92 -0.87 26.81
N GLU A 13 3.26 -1.42 27.84
CA GLU A 13 2.23 -0.65 28.52
C GLU A 13 2.80 0.49 29.34
N GLU A 14 4.12 0.57 29.51
CA GLU A 14 4.69 1.73 30.19
C GLU A 14 4.37 3.03 29.43
N MET A 15 4.28 2.97 28.11
CA MET A 15 3.96 4.15 27.32
C MET A 15 2.53 4.62 27.52
N SER A 16 1.67 3.83 28.16
CA SER A 16 0.37 4.33 28.54
C SER A 16 0.40 5.02 29.90
N ARG A 17 1.57 5.17 30.51
CA ARG A 17 1.64 5.66 31.88
C ARG A 17 2.08 7.13 31.96
N TYR A 18 1.47 7.96 31.11
CA TYR A 18 1.53 9.41 31.22
C TYR A 18 0.25 9.93 30.59
N LYS A 19 -0.24 11.05 31.10
CA LYS A 19 -1.52 11.60 30.67
C LYS A 19 -1.58 13.07 31.05
N LEU A 20 -2.65 13.72 30.60
CA LEU A 20 -2.88 15.14 30.86
C LEU A 20 -3.42 15.36 32.26
N LEU A 21 -2.86 16.34 32.97
CA LEU A 21 -3.17 16.54 34.39
C LEU A 21 -3.95 17.82 34.68
N TRP A 22 -4.25 18.63 33.68
CA TRP A 22 -5.02 19.85 33.87
C TRP A 22 -6.00 19.95 32.70
N THR A 23 -6.94 20.89 32.82
CA THR A 23 -7.91 21.09 31.76
C THR A 23 -7.26 21.73 30.54
N ASP A 24 -7.51 21.14 29.37
CA ASP A 24 -7.03 21.67 28.10
C ASP A 24 -7.76 20.98 26.96
N PRO A 25 -8.81 21.59 26.42
CA PRO A 25 -9.59 20.94 25.35
C PRO A 25 -8.76 20.61 24.12
N GLU A 26 -7.65 21.33 23.91
CA GLU A 26 -6.79 21.05 22.77
C GLU A 26 -6.13 19.68 22.88
N CYS A 27 -5.65 19.29 24.07
CA CYS A 27 -4.88 18.06 24.21
C CYS A 27 -5.64 16.90 24.85
N GLU A 28 -6.85 17.11 25.35
CA GLU A 28 -7.54 16.03 26.07
C GLU A 28 -7.88 14.83 25.18
N ILE A 29 -7.74 14.93 23.86
CA ILE A 29 -7.99 13.77 23.00
C ILE A 29 -6.85 12.77 23.02
N GLU A 30 -5.64 13.20 23.40
CA GLU A 30 -4.49 12.31 23.37
C GLU A 30 -4.43 11.60 24.73
N VAL A 31 -4.90 10.36 24.77
CA VAL A 31 -5.14 9.67 26.04
C VAL A 31 -4.35 8.37 26.05
N PRO A 32 -4.02 7.86 27.25
CA PRO A 32 -3.35 6.56 27.33
C PRO A 32 -4.12 5.42 26.68
N GLU A 33 -5.45 5.49 26.67
CA GLU A 33 -6.26 4.39 26.14
C GLU A 33 -6.06 4.16 24.66
N ARG A 34 -5.50 5.13 23.92
CA ARG A 34 -5.17 4.88 22.52
C ARG A 34 -4.27 3.65 22.36
N LEU A 35 -3.28 3.50 23.24
CA LEU A 35 -2.41 2.32 23.18
C LEU A 35 -3.14 1.09 23.69
N THR A 36 -3.83 1.22 24.82
CA THR A 36 -4.57 0.11 25.43
C THR A 36 -5.53 -0.51 24.42
N VAL A 37 -6.38 0.32 23.83
CA VAL A 37 -7.39 -0.13 22.88
C VAL A 37 -6.73 -0.77 21.65
N SER A 38 -5.62 -0.19 21.18
CA SER A 38 -5.00 -0.72 19.96
C SER A 38 -4.42 -2.12 20.20
N TYR A 39 -3.68 -2.30 21.29
CA TYR A 39 -3.09 -3.61 21.57
C TYR A 39 -4.18 -4.65 21.83
N GLU A 40 -5.18 -4.29 22.65
CA GLU A 40 -6.28 -5.20 22.92
C GLU A 40 -7.03 -5.58 21.65
N ALA A 41 -7.18 -4.64 20.71
CA ALA A 41 -7.82 -4.99 19.44
C ALA A 41 -6.99 -6.02 18.68
N LEU A 42 -5.67 -5.84 18.68
CA LEU A 42 -4.78 -6.82 18.07
C LEU A 42 -4.89 -8.17 18.77
N ARG A 43 -4.95 -8.17 20.11
CA ARG A 43 -5.09 -9.42 20.86
C ARG A 43 -6.43 -10.10 20.57
N THR A 44 -7.52 -9.34 20.61
CA THR A 44 -8.85 -9.87 20.35
C THR A 44 -8.93 -10.59 19.01
N HIS A 45 -8.31 -10.03 17.98
CA HIS A 45 -8.38 -10.61 16.65
C HIS A 45 -7.25 -11.59 16.36
N GLY A 46 -6.48 -11.98 17.37
CA GLY A 46 -5.44 -12.98 17.17
C GLY A 46 -4.21 -12.49 16.46
N LEU A 47 -4.08 -11.18 16.28
CA LEU A 47 -2.99 -10.64 15.48
C LEU A 47 -1.72 -10.49 16.30
N ALA A 48 -1.84 -10.00 17.53
CA ALA A 48 -0.65 -9.87 18.36
C ALA A 48 0.04 -11.20 18.56
N GLN A 49 -0.75 -12.27 18.75
CA GLN A 49 -0.20 -13.61 18.96
C GLN A 49 0.56 -14.11 17.74
N ARG A 50 0.28 -13.60 16.55
CA ARG A 50 0.98 -14.02 15.34
C ARG A 50 2.21 -13.16 15.03
N CYS A 51 2.43 -12.08 15.78
CA CYS A 51 3.62 -11.26 15.58
C CYS A 51 4.74 -11.64 16.54
N LYS A 52 5.97 -11.36 16.10
CA LYS A 52 7.15 -11.48 16.96
C LYS A 52 7.20 -10.29 17.91
N ALA A 53 7.01 -10.55 19.20
CA ALA A 53 7.12 -9.50 20.20
C ALA A 53 8.59 -9.12 20.36
N VAL A 54 8.91 -7.87 20.08
CA VAL A 54 10.25 -7.33 20.26
C VAL A 54 10.17 -6.31 21.38
N PRO A 55 11.07 -6.36 22.36
CA PRO A 55 10.97 -5.44 23.52
C PRO A 55 11.30 -4.02 23.14
N VAL A 56 10.72 -3.08 23.88
CA VAL A 56 11.13 -1.70 23.73
C VAL A 56 12.45 -1.49 24.47
N ARG A 57 13.11 -0.39 24.15
CA ARG A 57 14.26 0.09 24.89
C ARG A 57 14.22 1.60 24.88
N GLN A 58 15.09 2.21 25.67
CA GLN A 58 15.23 3.66 25.65
C GLN A 58 16.15 4.03 24.50
N ALA A 59 15.78 5.08 23.76
CA ALA A 59 16.75 5.79 22.94
C ALA A 59 17.83 6.39 23.82
N THR A 60 19.07 6.32 23.36
CA THR A 60 20.19 6.92 24.09
C THR A 60 20.24 8.41 23.83
N GLU A 61 21.06 9.11 24.63
CA GLU A 61 21.29 10.53 24.41
C GLU A 61 21.83 10.79 23.01
N GLN A 62 22.78 9.99 22.57
CA GLN A 62 23.37 10.19 21.25
C GLN A 62 22.33 9.98 20.14
N GLU A 63 21.42 9.02 20.34
CA GLU A 63 20.39 8.80 19.34
C GLU A 63 19.41 9.97 19.31
N ILE A 64 19.06 10.52 20.47
CA ILE A 64 18.17 11.67 20.50
C ILE A 64 18.83 12.87 19.80
N LEU A 65 20.14 13.06 20.01
CA LEU A 65 20.84 14.18 19.40
C LEU A 65 20.98 14.04 17.87
N LEU A 66 20.58 12.91 17.28
CA LEU A 66 20.56 12.82 15.82
C LEU A 66 19.58 13.80 15.21
N ALA A 67 18.48 14.09 15.92
CA ALA A 67 17.42 14.93 15.40
C ALA A 67 17.10 16.12 16.27
N HIS A 68 17.61 16.18 17.49
CA HIS A 68 17.24 17.26 18.39
C HIS A 68 18.50 17.92 18.95
N SER A 69 18.31 19.16 19.40
CA SER A 69 19.41 19.96 19.93
C SER A 69 19.68 19.58 21.37
N GLU A 70 20.93 19.80 21.80
CA GLU A 70 21.31 19.54 23.18
C GLU A 70 20.49 20.40 24.14
N GLU A 71 20.17 21.63 23.73
CA GLU A 71 19.42 22.52 24.62
C GLU A 71 17.99 22.03 24.84
N TYR A 72 17.34 21.54 23.78
CA TYR A 72 15.98 21.05 23.94
C TYR A 72 15.97 19.76 24.77
N LEU A 73 16.88 18.83 24.45
CA LEU A 73 16.97 17.59 25.23
C LEU A 73 17.20 17.89 26.70
N GLU A 74 18.13 18.81 27.00
CA GLU A 74 18.39 19.19 28.39
C GLU A 74 17.15 19.76 29.07
N ALA A 75 16.35 20.57 28.36
CA ALA A 75 15.14 21.08 28.98
C ALA A 75 14.15 19.95 29.29
N VAL A 76 13.94 19.04 28.34
CA VAL A 76 12.97 17.96 28.55
C VAL A 76 13.45 17.01 29.66
N LYS A 77 14.76 16.80 29.77
CA LYS A 77 15.34 15.94 30.80
C LYS A 77 15.05 16.42 32.21
N GLN A 78 14.65 17.69 32.38
CA GLN A 78 14.30 18.22 33.69
CA GLN A 78 14.30 18.23 33.69
C GLN A 78 12.83 17.99 34.06
N THR A 79 11.98 17.64 33.09
CA THR A 79 10.56 17.51 33.41
C THR A 79 10.22 16.37 34.39
N PRO A 80 10.97 15.26 34.49
CA PRO A 80 10.64 14.27 35.55
C PRO A 80 10.70 14.85 36.95
N GLY A 81 11.51 15.88 37.18
CA GLY A 81 11.59 16.52 38.48
C GLY A 81 10.58 17.63 38.75
N MET A 82 9.64 17.88 37.85
CA MET A 82 8.75 19.03 37.95
C MET A 82 7.41 18.67 38.59
N ASN A 83 6.87 19.57 39.42
CA ASN A 83 5.51 19.39 39.87
C ASN A 83 4.52 19.87 38.80
N VAL A 84 3.23 19.73 39.07
CA VAL A 84 2.24 19.99 38.03
CA VAL A 84 2.22 20.00 38.04
C VAL A 84 2.26 21.47 37.62
N GLU A 85 2.39 22.38 38.58
CA GLU A 85 2.47 23.79 38.23
C GLU A 85 3.63 24.06 37.30
N GLU A 86 4.78 23.42 37.55
CA GLU A 86 5.95 23.61 36.70
C GLU A 86 5.75 22.96 35.34
N LEU A 87 5.10 21.79 35.32
CA LEU A 87 4.85 21.10 34.06
C LEU A 87 3.88 21.89 33.18
N MET A 88 2.87 22.51 33.80
CA MET A 88 1.96 23.36 33.03
C MET A 88 2.69 24.56 32.44
N ALA A 89 3.56 25.19 33.22
CA ALA A 89 4.32 26.34 32.71
C ALA A 89 5.28 25.92 31.60
N PHE A 90 5.91 24.76 31.74
CA PHE A 90 6.78 24.27 30.68
C PHE A 90 5.98 23.94 29.42
N SER A 91 4.79 23.37 29.59
CA SER A 91 3.97 22.98 28.44
C SER A 91 3.53 24.20 27.63
N LYS A 92 3.25 25.31 28.32
CA LYS A 92 2.79 26.54 27.66
C LYS A 92 3.86 27.17 26.79
N LYS A 93 5.13 26.81 26.94
CA LYS A 93 6.15 27.25 26.00
C LYS A 93 5.98 26.65 24.60
N TYR A 94 5.13 25.64 24.43
CA TYR A 94 5.03 24.96 23.16
C TYR A 94 3.58 24.92 22.71
N ASN A 95 3.37 24.49 21.47
N ASN A 95 3.36 24.49 21.48
CA ASN A 95 2.05 24.49 20.86
CA ASN A 95 2.03 24.51 20.87
C ASN A 95 1.43 23.10 20.91
C ASN A 95 1.41 23.12 20.87
N ALA A 96 0.26 22.99 21.54
CA ALA A 96 -0.55 21.76 21.53
C ALA A 96 0.21 20.55 22.07
N VAL A 97 0.79 20.68 23.26
CA VAL A 97 1.52 19.57 23.87
C VAL A 97 1.47 19.74 25.37
N TYR A 98 1.35 18.62 26.10
CA TYR A 98 1.37 18.64 27.56
C TYR A 98 2.51 17.77 28.06
N PHE A 99 3.01 18.08 29.24
CA PHE A 99 4.07 17.30 29.83
C PHE A 99 3.58 16.64 31.12
N HIS A 100 4.33 15.66 31.58
CA HIS A 100 3.96 14.79 32.69
C HIS A 100 5.26 14.24 33.24
N GLN A 101 5.28 13.92 34.54
CA GLN A 101 6.55 13.46 35.15
C GLN A 101 7.14 12.27 34.41
N ASN A 102 6.31 11.46 33.76
CA ASN A 102 6.76 10.25 33.09
C ASN A 102 6.89 10.38 31.58
N ILE A 103 6.62 11.57 31.00
CA ILE A 103 6.56 11.63 29.54
C ILE A 103 7.96 11.57 28.90
N TYR A 104 8.97 12.12 29.57
CA TYR A 104 10.35 12.00 29.07
C TYR A 104 10.77 10.54 28.97
N HIS A 105 10.52 9.78 30.03
CA HIS A 105 10.72 8.33 30.01
C HIS A 105 9.98 7.69 28.83
N CYS A 106 8.69 7.95 28.70
CA CYS A 106 7.95 7.32 27.61
C CYS A 106 8.43 7.79 26.24
N ALA A 107 8.79 9.08 26.11
CA ALA A 107 9.34 9.56 24.85
C ALA A 107 10.59 8.79 24.46
N LYS A 108 11.47 8.49 25.43
CA LYS A 108 12.66 7.71 25.10
C LYS A 108 12.30 6.29 24.73
N LEU A 109 11.25 5.74 25.35
CA LEU A 109 10.75 4.41 24.98
C LEU A 109 10.10 4.42 23.60
N ALA A 110 9.28 5.45 23.30
CA ALA A 110 8.69 5.55 21.97
C ALA A 110 9.78 5.59 20.90
N ALA A 111 10.84 6.37 21.16
CA ALA A 111 11.94 6.46 20.22
C ALA A 111 12.72 5.15 20.12
N GLY A 112 13.05 4.55 21.27
CA GLY A 112 13.81 3.30 21.22
C GLY A 112 13.03 2.15 20.62
N ALA A 113 11.71 2.09 20.91
CA ALA A 113 10.85 1.13 20.24
C ALA A 113 10.98 1.20 18.72
N THR A 114 10.94 2.43 18.19
CA THR A 114 11.11 2.64 16.76
C THR A 114 12.45 2.11 16.26
N LEU A 115 13.53 2.36 17.03
CA LEU A 115 14.85 1.87 16.60
C LEU A 115 14.94 0.34 16.69
N GLN A 116 14.30 -0.25 17.71
CA GLN A 116 14.19 -1.71 17.76
C GLN A 116 13.49 -2.25 16.52
N LEU A 117 12.43 -1.57 16.07
CA LEU A 117 11.75 -2.01 14.86
C LEU A 117 12.67 -1.90 13.64
N VAL A 118 13.40 -0.79 13.52
CA VAL A 118 14.32 -0.63 12.40
C VAL A 118 15.38 -1.72 12.41
N ASP A 119 15.96 -2.01 13.58
CA ASP A 119 16.98 -3.06 13.66
C ASP A 119 16.41 -4.43 13.32
N SER A 120 15.22 -4.77 13.86
CA SER A 120 14.65 -6.09 13.55
C SER A 120 14.46 -6.26 12.06
N VAL A 121 13.99 -5.21 11.38
CA VAL A 121 13.75 -5.32 9.94
C VAL A 121 15.07 -5.32 9.17
N MET A 122 15.98 -4.41 9.51
CA MET A 122 17.20 -4.28 8.71
C MET A 122 18.17 -5.44 8.92
N LYS A 123 18.08 -6.14 10.06
CA LYS A 123 18.84 -7.36 10.29
C LYS A 123 18.15 -8.60 9.73
N ARG A 124 17.00 -8.44 9.08
CA ARG A 124 16.22 -9.54 8.49
C ARG A 124 15.73 -10.52 9.56
N GLU A 125 15.55 -10.06 10.79
CA GLU A 125 14.94 -10.92 11.80
C GLU A 125 13.44 -11.02 11.62
N VAL A 126 12.83 -10.00 11.01
CA VAL A 126 11.44 -10.03 10.57
C VAL A 126 11.37 -9.37 9.20
N ARG A 127 10.28 -9.63 8.50
CA ARG A 127 10.06 -8.98 7.21
C ARG A 127 9.71 -7.51 7.39
N ASN A 128 8.92 -7.19 8.41
CA ASN A 128 8.29 -5.89 8.54
C ASN A 128 7.81 -5.82 9.98
N GLY A 129 7.20 -4.70 10.34
CA GLY A 129 6.60 -4.67 11.66
C GLY A 129 5.96 -3.34 11.97
N MET A 130 5.40 -3.28 13.16
CA MET A 130 4.70 -2.10 13.64
C MET A 130 5.13 -1.81 15.07
N ALA A 131 5.29 -0.53 15.38
CA ALA A 131 5.52 -0.06 16.75
C ALA A 131 4.32 0.75 17.20
N LEU A 132 3.66 0.29 18.26
CA LEU A 132 2.56 1.01 18.91
C LEU A 132 3.15 1.83 20.04
N VAL A 133 3.28 3.14 19.84
CA VAL A 133 4.02 3.99 20.76
C VAL A 133 3.20 5.23 21.10
N ARG A 134 3.56 5.83 22.25
CA ARG A 134 3.16 7.13 22.78
C ARG A 134 4.41 7.65 23.49
N PRO A 135 4.73 8.94 23.36
CA PRO A 135 4.01 9.94 22.54
C PRO A 135 4.33 9.82 21.06
N PRO A 136 3.47 10.39 20.21
CA PRO A 136 3.77 10.40 18.77
C PRO A 136 4.94 11.33 18.49
N GLY A 137 5.40 11.33 17.24
CA GLY A 137 6.63 12.05 16.96
C GLY A 137 6.67 13.05 15.81
N HIS A 138 5.83 12.88 14.77
CA HIS A 138 6.13 13.52 13.48
C HIS A 138 6.05 15.05 13.51
N ALA A 139 5.40 15.63 14.51
CA ALA A 139 5.36 17.08 14.62
C ALA A 139 6.49 17.68 15.44
N SER A 140 7.24 16.90 16.22
CA SER A 140 8.26 17.52 17.05
C SER A 140 9.42 18.01 16.17
N GLN A 141 10.11 19.03 16.66
CA GLN A 141 11.14 19.68 15.86
C GLN A 141 12.46 19.64 16.61
N ARG A 142 13.51 20.09 15.94
N ARG A 142 13.52 20.08 15.92
CA ARG A 142 14.85 20.01 16.50
CA ARG A 142 14.86 20.04 16.48
C ARG A 142 14.92 20.58 17.91
C ARG A 142 14.89 20.56 17.91
N SER A 143 14.21 21.68 18.18
CA SER A 143 14.25 22.32 19.48
C SER A 143 12.87 22.60 20.05
N ALA A 144 11.85 21.85 19.64
CA ALA A 144 10.52 22.12 20.18
C ALA A 144 9.66 20.86 20.18
N ALA A 145 8.93 20.68 21.28
CA ALA A 145 7.78 19.79 21.29
C ALA A 145 6.61 20.46 20.58
N ASN A 146 5.75 19.65 19.97
CA ASN A 146 4.68 20.22 19.17
C ASN A 146 3.63 19.15 18.89
N GLY A 147 2.37 19.51 19.03
CA GLY A 147 1.29 18.64 18.60
C GLY A 147 1.32 17.25 19.22
N PHE A 148 1.38 17.19 20.55
CA PHE A 148 1.48 15.98 21.36
C PHE A 148 2.78 15.23 21.18
N CYS A 149 3.72 15.73 20.36
CA CYS A 149 4.98 15.05 20.08
C CYS A 149 6.15 15.66 20.87
N VAL A 150 7.00 14.79 21.42
CA VAL A 150 8.16 15.24 22.19
C VAL A 150 9.44 15.08 21.37
N PHE A 151 9.72 13.86 20.93
CA PHE A 151 10.84 13.59 20.04
C PHE A 151 10.31 12.94 18.78
N ASN A 152 11.04 13.09 17.68
CA ASN A 152 10.56 12.69 16.35
C ASN A 152 10.96 11.26 16.03
N ASN A 153 10.10 10.31 16.44
CA ASN A 153 10.41 8.89 16.37
C ASN A 153 10.77 8.46 14.95
N VAL A 154 10.00 8.90 13.96
CA VAL A 154 10.24 8.46 12.60
C VAL A 154 11.47 9.13 12.00
N ALA A 155 11.74 10.37 12.37
CA ALA A 155 12.99 10.99 11.91
C ALA A 155 14.19 10.26 12.48
N PHE A 156 14.14 9.91 13.77
CA PHE A 156 15.14 9.01 14.38
C PHE A 156 15.37 7.79 13.52
N ALA A 157 14.28 7.12 13.14
CA ALA A 157 14.40 5.84 12.47
C ALA A 157 15.15 5.96 11.15
N ALA A 158 14.88 7.02 10.37
CA ALA A 158 15.55 7.19 9.09
C ALA A 158 17.01 7.58 9.26
N LEU A 159 17.29 8.50 10.19
CA LEU A 159 18.68 8.90 10.44
C LEU A 159 19.50 7.75 10.98
N TYR A 160 18.90 6.96 11.89
CA TYR A 160 19.53 5.76 12.44
C TYR A 160 19.77 4.70 11.38
N ALA A 161 18.78 4.46 10.51
CA ALA A 161 19.00 3.50 9.42
C ALA A 161 20.06 4.00 8.44
N LYS A 162 20.12 5.31 8.20
CA LYS A 162 21.18 5.86 7.36
C LYS A 162 22.55 5.62 7.98
N LYS A 163 22.69 5.94 9.26
CA LYS A 163 23.99 5.88 9.91
C LYS A 163 24.47 4.45 10.09
N ASN A 164 23.59 3.56 10.56
CA ASN A 164 24.01 2.22 10.95
C ASN A 164 23.89 1.18 9.85
N TYR A 165 23.11 1.44 8.81
CA TYR A 165 23.01 0.48 7.72
C TYR A 165 23.44 1.08 6.39
N ASN A 166 23.94 2.32 6.40
CA ASN A 166 24.48 2.97 5.21
C ASN A 166 23.49 2.98 4.06
N LEU A 167 22.23 3.25 4.37
CA LEU A 167 21.20 3.30 3.34
C LEU A 167 21.30 4.61 2.58
N ASN A 168 21.05 4.55 1.29
CA ASN A 168 21.05 5.75 0.45
C ASN A 168 19.65 6.27 0.13
N ARG A 169 18.61 5.44 0.26
CA ARG A 169 17.25 5.82 -0.16
C ARG A 169 16.24 5.30 0.85
N ILE A 170 15.57 6.21 1.54
CA ILE A 170 14.55 5.89 2.52
C ILE A 170 13.29 6.67 2.18
N LEU A 171 12.16 5.97 2.05
CA LEU A 171 10.85 6.58 1.85
C LEU A 171 10.13 6.65 3.19
N ILE A 172 9.63 7.83 3.53
CA ILE A 172 8.74 8.01 4.67
C ILE A 172 7.38 8.40 4.14
N VAL A 173 6.35 7.63 4.50
CA VAL A 173 4.96 7.87 4.11
C VAL A 173 4.20 8.26 5.37
N ASP A 174 3.69 9.49 5.41
CA ASP A 174 3.02 10.03 6.59
C ASP A 174 1.54 10.14 6.25
N TRP A 175 0.75 9.15 6.66
CA TRP A 175 -0.68 9.19 6.33
C TRP A 175 -1.54 9.66 7.50
N ASP A 176 -0.90 10.10 8.59
CA ASP A 176 -1.59 10.87 9.61
C ASP A 176 -2.30 12.04 8.95
N VAL A 177 -3.41 12.48 9.55
CA VAL A 177 -4.20 13.54 8.95
C VAL A 177 -3.58 14.92 9.14
N HIS A 178 -2.55 15.03 9.97
CA HIS A 178 -1.81 16.26 10.19
C HIS A 178 -0.49 16.18 9.42
N HIS A 179 -0.01 17.34 8.97
CA HIS A 179 1.33 17.43 8.38
C HIS A 179 2.39 17.05 9.43
N GLY A 180 3.42 16.32 9.00
CA GLY A 180 4.53 16.11 9.92
C GLY A 180 5.64 17.11 9.70
N GLN A 181 5.45 18.34 10.19
CA GLN A 181 6.37 19.42 9.86
C GLN A 181 7.77 19.14 10.40
N GLY A 182 7.86 18.44 11.53
CA GLY A 182 9.16 18.07 12.05
C GLY A 182 9.95 17.19 11.10
N ILE A 183 9.26 16.25 10.45
CA ILE A 183 9.94 15.39 9.49
C ILE A 183 10.35 16.16 8.25
N GLN A 184 9.43 17.00 7.75
CA GLN A 184 9.76 17.83 6.59
C GLN A 184 11.00 18.69 6.85
N TYR A 185 11.02 19.40 7.97
CA TYR A 185 12.19 20.24 8.27
C TYR A 185 13.46 19.41 8.37
N CYS A 186 13.35 18.22 8.95
CA CYS A 186 14.56 17.45 9.21
C CYS A 186 15.22 17.02 7.91
N PHE A 187 14.44 16.63 6.91
CA PHE A 187 15.00 16.10 5.67
C PHE A 187 14.84 17.05 4.48
N GLU A 188 14.55 18.32 4.74
CA GLU A 188 14.23 19.27 3.67
C GLU A 188 15.31 19.34 2.58
N GLU A 189 16.57 19.27 2.97
CA GLU A 189 17.67 19.38 2.02
C GLU A 189 18.30 18.03 1.67
N ASP A 190 17.69 16.94 2.08
CA ASP A 190 18.33 15.63 2.00
C ASP A 190 17.70 14.79 0.90
N PRO A 191 18.38 14.55 -0.22
CA PRO A 191 17.81 13.72 -1.28
C PRO A 191 17.80 12.23 -0.94
N SER A 192 18.38 11.81 0.18
CA SER A 192 18.38 10.39 0.52
C SER A 192 17.11 9.95 1.24
N VAL A 193 16.29 10.88 1.71
CA VAL A 193 15.05 10.56 2.40
C VAL A 193 13.91 11.25 1.66
N LEU A 194 13.01 10.47 1.07
CA LEU A 194 11.85 11.03 0.40
C LEU A 194 10.68 11.05 1.38
N TYR A 195 10.15 12.24 1.65
CA TYR A 195 9.01 12.42 2.56
C TYR A 195 7.73 12.73 1.78
N PHE A 196 6.71 11.90 1.98
CA PHE A 196 5.36 12.15 1.47
C PHE A 196 4.39 12.31 2.64
N SER A 197 3.60 13.38 2.60
CA SER A 197 2.56 13.63 3.60
C SER A 197 1.31 14.09 2.87
N TRP A 198 0.18 13.46 3.17
CA TRP A 198 -1.10 14.12 2.94
C TRP A 198 -1.62 14.63 4.27
N HIS A 199 -2.50 15.63 4.22
CA HIS A 199 -2.91 16.21 5.49
C HIS A 199 -4.05 17.16 5.28
N ARG A 200 -4.96 17.18 6.25
CA ARG A 200 -5.97 18.23 6.30
C ARG A 200 -5.27 19.59 6.40
N TYR A 201 -5.65 20.49 5.50
CA TYR A 201 -5.00 21.79 5.35
C TYR A 201 -6.04 22.91 5.36
N GLU A 202 -7.10 22.72 4.56
CA GLU A 202 -8.16 23.71 4.40
C GLU A 202 -7.57 25.12 4.20
N HIS A 203 -6.70 25.22 3.19
CA HIS A 203 -6.11 26.50 2.78
C HIS A 203 -5.40 27.16 3.95
N GLN A 204 -4.67 26.36 4.71
CA GLN A 204 -3.82 26.77 5.82
C GLN A 204 -4.63 27.08 7.07
N SER A 205 -5.94 26.93 7.06
CA SER A 205 -6.64 27.22 8.29
C SER A 205 -6.65 26.04 9.27
N PHE A 206 -6.14 24.87 8.90
CA PHE A 206 -6.10 23.74 9.84
C PHE A 206 -4.69 23.54 10.42
N TRP A 207 -4.66 23.22 11.72
CA TRP A 207 -3.42 22.94 12.44
C TRP A 207 -2.49 22.03 11.62
N PRO A 208 -1.18 22.35 11.52
CA PRO A 208 -0.46 23.43 12.20
C PRO A 208 -0.41 24.81 11.50
N ASN A 209 -1.25 25.06 10.50
CA ASN A 209 -1.44 26.41 9.93
C ASN A 209 -0.17 26.97 9.29
N LEU A 210 0.59 26.14 8.58
CA LEU A 210 1.86 26.56 8.02
C LEU A 210 1.78 26.75 6.51
N PRO A 211 2.30 27.86 5.98
CA PRO A 211 2.43 27.97 4.52
C PRO A 211 3.26 26.86 3.91
N GLU A 212 4.32 26.41 4.60
CA GLU A 212 5.19 25.38 4.04
C GLU A 212 4.57 23.97 4.05
N SER A 213 3.36 23.79 4.58
CA SER A 213 2.68 22.51 4.41
C SER A 213 1.95 22.41 3.07
N ASP A 214 2.02 23.43 2.21
CA ASP A 214 1.30 23.39 0.95
C ASP A 214 2.08 22.57 -0.08
N TYR A 215 1.42 22.32 -1.22
CA TYR A 215 2.03 21.50 -2.27
C TYR A 215 3.27 22.13 -2.88
N SER A 216 3.49 23.43 -2.70
CA SER A 216 4.64 24.08 -3.31
CA SER A 216 4.64 24.06 -3.33
C SER A 216 5.95 23.78 -2.61
N SER A 217 5.91 23.24 -1.40
CA SER A 217 7.15 22.90 -0.68
C SER A 217 7.62 21.55 -1.19
N VAL A 218 8.59 21.58 -2.11
CA VAL A 218 9.11 20.38 -2.77
C VAL A 218 10.47 19.97 -2.21
N GLY A 219 10.93 20.62 -1.15
CA GLY A 219 12.28 20.45 -0.67
C GLY A 219 13.19 21.60 -1.09
N LYS A 220 14.42 21.57 -0.60
CA LYS A 220 15.36 22.67 -0.83
C LYS A 220 16.73 22.16 -1.24
N GLY A 221 17.38 22.91 -2.13
CA GLY A 221 18.73 22.59 -2.54
C GLY A 221 18.82 21.25 -3.21
N LYS A 222 19.79 20.45 -2.80
CA LYS A 222 19.88 19.08 -3.30
C LYS A 222 18.65 18.25 -2.92
N GLY A 223 17.84 18.69 -1.98
CA GLY A 223 16.63 17.98 -1.61
C GLY A 223 15.40 18.33 -2.41
N SER A 224 15.54 19.17 -3.45
CA SER A 224 14.37 19.57 -4.24
C SER A 224 13.77 18.38 -4.94
N GLY A 225 12.45 18.20 -4.77
CA GLY A 225 11.77 17.05 -5.31
C GLY A 225 11.61 15.88 -4.37
N PHE A 226 12.24 15.91 -3.19
CA PHE A 226 12.16 14.79 -2.26
C PHE A 226 11.28 15.11 -1.06
N ASN A 227 10.46 16.15 -1.19
CA ASN A 227 9.42 16.45 -0.22
C ASN A 227 8.14 16.62 -1.02
N ILE A 228 7.10 15.86 -0.66
CA ILE A 228 5.84 15.88 -1.38
C ILE A 228 4.72 16.10 -0.37
N ASN A 229 4.07 17.26 -0.46
CA ASN A 229 2.92 17.61 0.37
C ASN A 229 1.66 17.55 -0.48
N LEU A 230 0.65 16.82 -0.02
CA LEU A 230 -0.66 16.76 -0.66
C LEU A 230 -1.69 17.29 0.31
N PRO A 231 -2.05 18.58 0.22
CA PRO A 231 -2.97 19.16 1.21
C PRO A 231 -4.42 18.82 0.85
N TRP A 232 -5.19 18.40 1.85
CA TRP A 232 -6.62 18.22 1.68
C TRP A 232 -7.30 19.53 2.05
N ASN A 233 -7.96 20.15 1.08
CA ASN A 233 -8.54 21.46 1.35
C ASN A 233 -10.02 21.40 1.68
N LYS A 234 -10.59 20.20 1.79
CA LYS A 234 -11.94 20.01 2.35
C LYS A 234 -11.88 18.80 3.26
N VAL A 235 -12.81 18.72 4.21
CA VAL A 235 -12.93 17.52 5.03
C VAL A 235 -13.78 16.50 4.28
N GLY A 236 -14.01 15.34 4.89
CA GLY A 236 -14.84 14.31 4.24
C GLY A 236 -14.17 13.52 3.14
N MET A 237 -12.84 13.54 3.04
CA MET A 237 -12.17 12.74 2.03
C MET A 237 -12.47 11.25 2.23
N THR A 238 -12.61 10.53 1.12
CA THR A 238 -13.11 9.15 1.13
C THR A 238 -12.02 8.18 0.68
N ASN A 239 -12.37 6.89 0.68
CA ASN A 239 -11.49 5.87 0.11
C ASN A 239 -11.00 6.27 -1.27
N SER A 240 -11.90 6.80 -2.12
CA SER A 240 -11.50 7.15 -3.49
C SER A 240 -10.42 8.24 -3.51
N ASP A 241 -10.53 9.24 -2.64
CA ASP A 241 -9.52 10.30 -2.63
C ASP A 241 -8.15 9.76 -2.21
N TYR A 242 -8.13 8.87 -1.21
CA TYR A 242 -6.86 8.33 -0.72
C TYR A 242 -6.22 7.43 -1.77
N LEU A 243 -7.02 6.58 -2.43
CA LEU A 243 -6.43 5.75 -3.48
C LEU A 243 -5.98 6.59 -4.68
N ALA A 244 -6.75 7.63 -5.02
CA ALA A 244 -6.30 8.53 -6.09
C ALA A 244 -4.94 9.13 -5.76
N ALA A 245 -4.74 9.53 -4.50
CA ALA A 245 -3.45 10.07 -4.07
C ALA A 245 -2.33 9.04 -4.23
N PHE A 246 -2.60 7.79 -3.88
CA PHE A 246 -1.58 6.75 -4.02
C PHE A 246 -1.29 6.44 -5.49
N PHE A 247 -2.34 6.22 -6.30
CA PHE A 247 -2.08 5.80 -7.68
C PHE A 247 -1.47 6.92 -8.51
N HIS A 248 -1.83 8.18 -8.24
CA HIS A 248 -1.45 9.27 -9.11
C HIS A 248 -0.38 10.20 -8.53
N VAL A 249 -0.03 10.05 -7.25
CA VAL A 249 1.07 10.84 -6.68
C VAL A 249 2.12 9.95 -6.02
N LEU A 250 1.75 9.25 -4.95
CA LEU A 250 2.75 8.60 -4.11
C LEU A 250 3.40 7.41 -4.81
N LEU A 251 2.60 6.45 -5.27
CA LEU A 251 3.18 5.23 -5.83
C LEU A 251 4.05 5.47 -7.07
N PRO A 252 3.69 6.32 -8.03
CA PRO A 252 4.63 6.58 -9.14
C PRO A 252 5.98 7.08 -8.66
N VAL A 253 5.99 7.96 -7.66
CA VAL A 253 7.26 8.47 -7.16
C VAL A 253 8.00 7.39 -6.37
N ALA A 254 7.27 6.63 -5.56
CA ALA A 254 7.89 5.61 -4.70
C ALA A 254 8.60 4.55 -5.52
N TYR A 255 7.97 4.05 -6.58
CA TYR A 255 8.61 3.00 -7.36
C TYR A 255 9.74 3.54 -8.24
N GLU A 256 9.69 4.82 -8.60
CA GLU A 256 10.84 5.42 -9.28
C GLU A 256 12.00 5.66 -8.31
N PHE A 257 11.69 6.17 -7.12
CA PHE A 257 12.71 6.37 -6.09
C PHE A 257 13.43 5.06 -5.73
N ASP A 258 12.69 3.94 -5.70
CA ASP A 258 13.19 2.61 -5.32
C ASP A 258 13.86 2.65 -3.94
N PRO A 259 13.10 2.87 -2.87
CA PRO A 259 13.73 2.97 -1.54
C PRO A 259 14.29 1.63 -1.07
N GLU A 260 15.25 1.73 -0.17
CA GLU A 260 15.85 0.56 0.47
C GLU A 260 15.17 0.24 1.78
N LEU A 261 14.35 1.16 2.29
CA LEU A 261 13.55 0.97 3.49
C LEU A 261 12.34 1.88 3.40
N VAL A 262 11.18 1.39 3.84
CA VAL A 262 9.96 2.20 3.95
C VAL A 262 9.62 2.36 5.42
N ILE A 263 9.44 3.61 5.87
CA ILE A 263 8.95 3.89 7.20
C ILE A 263 7.60 4.60 7.06
N VAL A 264 6.58 4.12 7.78
CA VAL A 264 5.27 4.73 7.71
C VAL A 264 5.00 5.47 9.01
N SER A 265 4.76 6.77 8.90
CA SER A 265 4.19 7.55 10.00
CA SER A 265 4.20 7.57 9.99
C SER A 265 2.69 7.35 9.94
N ALA A 266 2.22 6.38 10.72
CA ALA A 266 0.87 5.84 10.61
C ALA A 266 -0.02 6.51 11.64
N GLY A 267 -0.63 7.63 11.27
CA GLY A 267 -1.69 8.22 12.06
C GLY A 267 -3.03 7.81 11.48
N PHE A 268 -3.87 7.24 12.33
CA PHE A 268 -5.19 6.82 11.91
C PHE A 268 -6.25 7.84 12.24
N ASP A 269 -5.83 9.06 12.61
CA ASP A 269 -6.79 10.16 12.62
C ASP A 269 -7.19 10.57 11.22
N SER A 270 -6.71 9.88 10.18
CA SER A 270 -7.21 10.06 8.82
C SER A 270 -8.41 9.15 8.53
N ALA A 271 -8.87 8.38 9.52
CA ALA A 271 -9.95 7.44 9.35
C ALA A 271 -11.28 8.06 9.74
N ILE A 272 -12.36 7.50 9.18
CA ILE A 272 -13.71 7.93 9.51
C ILE A 272 -13.91 7.96 11.02
N GLY A 273 -14.70 8.92 11.50
CA GLY A 273 -15.03 9.06 12.91
C GLY A 273 -14.02 9.82 13.74
N ASP A 274 -12.86 10.13 13.22
CA ASP A 274 -11.87 10.84 14.04
C ASP A 274 -12.30 12.29 14.26
N PRO A 275 -12.23 12.80 15.49
CA PRO A 275 -12.69 14.18 15.75
C PRO A 275 -11.73 15.24 15.26
N GLU A 276 -10.47 14.89 14.97
CA GLU A 276 -9.52 15.84 14.40
C GLU A 276 -9.54 15.83 12.88
N GLY A 277 -9.57 14.65 12.27
CA GLY A 277 -9.46 14.58 10.83
C GLY A 277 -10.75 14.91 10.11
N GLU A 278 -11.87 14.40 10.63
CA GLU A 278 -13.18 14.54 10.00
C GLU A 278 -13.19 14.01 8.57
N MET A 279 -12.35 13.02 8.28
CA MET A 279 -12.38 12.37 6.98
C MET A 279 -13.36 11.18 7.01
N CYS A 280 -13.56 10.56 5.86
CA CYS A 280 -14.57 9.51 5.70
C CYS A 280 -14.01 8.20 5.19
N ALA A 281 -12.69 8.03 5.18
CA ALA A 281 -12.12 6.77 4.73
C ALA A 281 -12.36 5.68 5.78
N LEU A 282 -12.70 4.50 5.31
CA LEU A 282 -12.98 3.37 6.19
C LEU A 282 -11.69 2.73 6.67
N PRO A 283 -11.70 2.08 7.85
CA PRO A 283 -10.49 1.39 8.32
C PRO A 283 -9.91 0.42 7.31
N GLU A 284 -10.75 -0.19 6.47
CA GLU A 284 -10.28 -1.13 5.46
C GLU A 284 -9.31 -0.51 4.47
N ILE A 285 -9.34 0.82 4.26
CA ILE A 285 -8.41 1.42 3.32
C ILE A 285 -6.97 1.22 3.76
N PHE A 286 -6.73 1.18 5.08
CA PHE A 286 -5.36 1.04 5.56
C PHE A 286 -4.79 -0.34 5.25
N ALA A 287 -5.67 -1.34 5.08
CA ALA A 287 -5.20 -2.62 4.57
C ALA A 287 -4.57 -2.45 3.20
N HIS A 288 -5.12 -1.57 2.37
CA HIS A 288 -4.64 -1.39 1.01
C HIS A 288 -3.49 -0.40 0.92
N LEU A 289 -3.53 0.68 1.70
CA LEU A 289 -2.38 1.58 1.76
C LEU A 289 -1.14 0.81 2.19
N THR A 290 -1.29 -0.09 3.18
CA THR A 290 -0.17 -0.96 3.57
C THR A 290 0.22 -1.88 2.41
N HIS A 291 -0.76 -2.53 1.79
CA HIS A 291 -0.49 -3.53 0.76
C HIS A 291 0.19 -2.92 -0.47
N LEU A 292 -0.25 -1.74 -0.90
CA LEU A 292 0.33 -1.13 -2.09
C LEU A 292 1.80 -0.74 -1.89
N LEU A 293 2.24 -0.53 -0.65
CA LEU A 293 3.64 -0.22 -0.36
C LEU A 293 4.51 -1.45 -0.11
N MET A 294 3.91 -2.62 0.10
CA MET A 294 4.71 -3.77 0.54
C MET A 294 5.69 -4.31 -0.51
N PRO A 295 5.45 -4.16 -1.83
CA PRO A 295 6.48 -4.58 -2.78
C PRO A 295 7.73 -3.71 -2.78
N LEU A 296 7.71 -2.54 -2.16
CA LEU A 296 8.90 -1.71 -2.14
C LEU A 296 9.91 -2.27 -1.13
N ALA A 297 11.19 -2.04 -1.41
CA ALA A 297 12.27 -2.34 -0.45
C ALA A 297 12.25 -3.80 -0.02
N ALA A 298 11.87 -4.67 -0.94
CA ALA A 298 11.73 -6.10 -0.67
C ALA A 298 10.85 -6.36 0.55
N GLY A 299 9.86 -5.51 0.78
CA GLY A 299 8.94 -5.68 1.89
C GLY A 299 9.39 -5.11 3.22
N LYS A 300 10.55 -4.46 3.28
CA LYS A 300 11.07 -3.94 4.54
C LYS A 300 10.31 -2.66 4.88
N MET A 301 9.29 -2.81 5.73
CA MET A 301 8.41 -1.72 6.09
C MET A 301 8.32 -1.63 7.61
N CYS A 302 8.61 -0.46 8.15
CA CYS A 302 8.47 -0.16 9.57
C CYS A 302 7.33 0.82 9.76
N VAL A 303 6.24 0.36 10.37
CA VAL A 303 5.05 1.17 10.64
C VAL A 303 5.11 1.67 12.07
N VAL A 304 4.97 2.99 12.24
CA VAL A 304 5.13 3.64 13.53
C VAL A 304 3.86 4.43 13.83
N LEU A 305 3.21 4.10 14.94
CA LEU A 305 1.98 4.79 15.30
C LEU A 305 2.23 6.27 15.57
N GLU A 306 1.41 7.14 14.93
CA GLU A 306 1.39 8.57 15.25
C GLU A 306 0.06 8.89 15.94
N GLY A 307 -0.87 9.58 15.27
CA GLY A 307 -2.13 9.96 15.88
C GLY A 307 -3.25 8.94 15.65
N GLY A 308 -4.48 9.36 15.97
CA GLY A 308 -5.69 8.54 15.84
C GLY A 308 -6.51 8.53 17.11
N TYR A 309 -7.67 9.21 17.12
CA TYR A 309 -8.28 9.62 18.38
C TYR A 309 -9.69 9.11 18.61
N ASN A 310 -10.30 8.46 17.64
CA ASN A 310 -11.56 7.76 17.84
C ASN A 310 -11.19 6.32 18.18
N LEU A 311 -11.40 5.92 19.44
CA LEU A 311 -10.86 4.65 19.90
C LEU A 311 -11.37 3.48 19.04
N THR A 312 -12.60 3.57 18.53
CA THR A 312 -13.12 2.50 17.70
C THR A 312 -12.44 2.47 16.34
N SER A 313 -12.45 3.61 15.64
CA SER A 313 -11.74 3.74 14.37
C SER A 313 -10.27 3.31 14.52
N LEU A 314 -9.64 3.69 15.63
CA LEU A 314 -8.22 3.41 15.81
C LEU A 314 -7.96 1.91 15.89
N GLY A 315 -8.71 1.21 16.74
CA GLY A 315 -8.53 -0.22 16.85
C GLY A 315 -8.69 -0.94 15.53
N GLN A 316 -9.76 -0.59 14.78
CA GLN A 316 -10.01 -1.31 13.53
C GLN A 316 -8.95 -1.01 12.49
N SER A 317 -8.45 0.24 12.44
CA SER A 317 -7.45 0.58 11.43
C SER A 317 -6.11 -0.09 11.76
N VAL A 318 -5.76 -0.14 13.04
CA VAL A 318 -4.56 -0.85 13.47
C VAL A 318 -4.63 -2.32 13.07
N CYS A 319 -5.78 -2.98 13.31
CA CYS A 319 -5.89 -4.38 12.88
C CYS A 319 -5.78 -4.54 11.38
N GLN A 320 -6.42 -3.64 10.61
CA GLN A 320 -6.31 -3.75 9.15
C GLN A 320 -4.87 -3.61 8.69
N THR A 321 -4.10 -2.76 9.36
CA THR A 321 -2.70 -2.59 8.98
C THR A 321 -1.89 -3.86 9.29
N VAL A 322 -2.02 -4.39 10.51
CA VAL A 322 -1.23 -5.57 10.87
C VAL A 322 -1.66 -6.78 10.05
N HIS A 323 -2.96 -6.92 9.78
CA HIS A 323 -3.44 -7.98 8.88
C HIS A 323 -2.65 -7.98 7.59
N SER A 324 -2.45 -6.79 7.00
CA SER A 324 -1.70 -6.71 5.75
C SER A 324 -0.22 -6.99 5.95
N LEU A 325 0.36 -6.48 7.05
CA LEU A 325 1.76 -6.80 7.33
C LEU A 325 1.97 -8.31 7.41
N LEU A 326 1.04 -9.02 8.06
CA LEU A 326 1.07 -10.47 8.14
C LEU A 326 0.75 -11.18 6.82
N GLY A 327 0.28 -10.47 5.79
CA GLY A 327 -0.02 -11.09 4.52
C GLY A 327 -1.42 -11.66 4.37
N ASP A 328 -2.33 -11.35 5.29
CA ASP A 328 -3.70 -11.82 5.18
C ASP A 328 -4.43 -11.16 4.00
N PRO A 329 -5.42 -11.85 3.42
CA PRO A 329 -6.09 -11.31 2.22
C PRO A 329 -6.74 -9.95 2.49
N THR A 330 -6.60 -9.05 1.53
CA THR A 330 -7.14 -7.71 1.68
C THR A 330 -8.66 -7.71 1.52
N PRO A 331 -9.38 -6.86 2.25
CA PRO A 331 -10.82 -6.76 2.06
C PRO A 331 -11.16 -6.06 0.76
N ARG A 332 -12.30 -6.45 0.16
CA ARG A 332 -12.76 -5.79 -1.05
C ARG A 332 -13.29 -4.41 -0.72
N ILE A 333 -12.90 -3.42 -1.52
CA ILE A 333 -13.35 -2.05 -1.34
C ILE A 333 -14.40 -1.76 -2.41
N SER A 334 -15.64 -1.55 -1.98
CA SER A 334 -16.73 -1.23 -2.89
C SER A 334 -16.98 0.28 -2.96
N GLY A 335 -17.75 0.69 -3.97
CA GLY A 335 -18.18 2.08 -4.11
C GLY A 335 -17.11 3.08 -4.51
N LEU A 336 -16.00 2.63 -5.10
CA LEU A 336 -14.94 3.54 -5.48
C LEU A 336 -15.29 4.24 -6.80
N GLY A 337 -14.77 5.45 -6.96
CA GLY A 337 -15.01 6.23 -8.16
C GLY A 337 -14.08 7.43 -8.19
N THR A 338 -14.53 8.53 -8.79
CA THR A 338 -13.68 9.69 -8.90
C THR A 338 -13.37 10.29 -7.54
N ALA A 339 -12.15 10.80 -7.39
CA ALA A 339 -11.90 11.66 -6.25
C ALA A 339 -12.74 12.93 -6.39
N CYS A 340 -13.02 13.58 -5.26
CA CYS A 340 -13.77 14.82 -5.32
C CYS A 340 -12.94 15.93 -5.99
N ASP A 341 -13.63 17.01 -6.38
CA ASP A 341 -12.98 18.09 -7.12
C ASP A 341 -11.84 18.71 -6.31
N SER A 342 -12.04 18.91 -5.01
CA SER A 342 -10.98 19.54 -4.20
C SER A 342 -9.74 18.64 -4.17
N ALA A 343 -9.93 17.32 -4.00
CA ALA A 343 -8.81 16.39 -4.04
C ALA A 343 -8.15 16.37 -5.41
N LEU A 344 -8.96 16.42 -6.48
CA LEU A 344 -8.38 16.40 -7.82
C LEU A 344 -7.55 17.65 -8.08
N GLU A 345 -7.99 18.78 -7.54
CA GLU A 345 -7.23 20.02 -7.62
C GLU A 345 -5.90 19.89 -6.87
N SER A 346 -5.94 19.41 -5.63
CA SER A 346 -4.69 19.15 -4.90
C SER A 346 -3.78 18.20 -5.67
N ILE A 347 -4.36 17.14 -6.25
CA ILE A 347 -3.54 16.15 -6.95
C ILE A 347 -2.90 16.74 -8.19
N GLN A 348 -3.68 17.51 -8.97
CA GLN A 348 -3.10 18.07 -10.18
C GLN A 348 -2.06 19.14 -9.86
N ASN A 349 -2.24 19.86 -8.76
CA ASN A 349 -1.28 20.90 -8.41
C ASN A 349 0.04 20.30 -7.96
N VAL A 350 -0.01 19.21 -7.18
CA VAL A 350 1.21 18.54 -6.71
CA VAL A 350 1.24 18.62 -6.73
C VAL A 350 1.94 17.92 -7.89
N ARG A 351 1.19 17.26 -8.77
CA ARG A 351 1.81 16.63 -9.93
C ARG A 351 2.49 17.68 -10.80
N ASN A 352 1.87 18.86 -10.92
CA ASN A 352 2.46 19.88 -11.79
C ASN A 352 3.74 20.47 -11.18
N VAL A 353 3.74 20.75 -9.87
CA VAL A 353 4.94 21.31 -9.27
C VAL A 353 6.04 20.26 -9.17
N GLN A 354 5.67 18.99 -9.07
CA GLN A 354 6.66 17.92 -8.98
C GLN A 354 7.14 17.45 -10.35
N SER A 355 6.57 17.98 -11.44
CA SER A 355 6.89 17.50 -12.78
C SER A 355 8.32 17.82 -13.23
N SER A 356 8.99 18.79 -12.61
CA SER A 356 10.39 18.97 -12.96
C SER A 356 11.30 17.94 -12.33
N TYR A 357 10.79 17.12 -11.39
CA TYR A 357 11.65 16.23 -10.61
C TYR A 357 11.42 14.75 -10.86
N TRP A 358 10.25 14.35 -11.35
CA TRP A 358 9.93 12.92 -11.41
C TRP A 358 9.54 12.55 -12.83
N SER A 359 10.04 11.40 -13.29
CA SER A 359 9.79 10.95 -14.65
C SER A 359 8.30 10.73 -14.92
N SER A 360 7.56 10.16 -13.95
CA SER A 360 6.16 9.87 -14.20
C SER A 360 5.31 11.13 -14.41
N PHE A 361 5.78 12.30 -13.96
CA PHE A 361 5.05 13.55 -14.15
C PHE A 361 5.62 14.41 -15.27
N LYS A 362 6.79 14.05 -15.82
CA LYS A 362 7.54 14.96 -16.70
C LYS A 362 6.75 15.37 -17.95
N HIS A 363 5.92 14.47 -18.48
CA HIS A 363 5.09 14.81 -19.63
C HIS A 363 4.17 16.00 -19.35
N LEU A 364 3.88 16.31 -18.09
CA LEU A 364 3.06 17.46 -17.78
C LEU A 364 3.78 18.80 -18.02
N ALA A 365 5.11 18.79 -18.18
CA ALA A 365 5.87 20.04 -18.27
C ALA A 365 5.89 20.65 -19.68
N GLN A 366 5.52 19.91 -20.71
CA GLN A 366 5.62 20.41 -22.09
C GLN A 366 4.28 20.25 -22.81
N SER A 367 3.94 21.23 -23.65
CA SER A 367 2.71 21.16 -24.43
C SER A 367 2.73 20.01 -25.43
N GLU A 368 3.88 19.78 -26.06
CA GLU A 368 4.01 18.65 -26.98
C GLU A 368 3.69 17.35 -26.28
N THR A 369 4.17 17.18 -25.05
CA THR A 369 3.94 15.95 -24.28
C THR A 369 2.53 15.91 -23.68
N ASN A 370 2.09 17.02 -23.09
CA ASN A 370 0.75 17.18 -22.51
C ASN A 370 0.63 18.54 -21.83
N ASP A 401 -22.88 10.60 17.13
CA ASP A 401 -21.60 9.95 16.84
C ASP A 401 -21.62 9.29 15.45
N ILE A 402 -20.47 9.26 14.80
CA ILE A 402 -20.33 8.64 13.50
C ILE A 402 -20.29 7.12 13.66
N VAL A 403 -21.04 6.40 12.81
CA VAL A 403 -21.07 4.94 12.84
C VAL A 403 -20.88 4.43 11.42
N TRP A 404 -20.16 3.33 11.29
CA TRP A 404 -19.86 2.68 10.02
C TRP A 404 -19.91 1.18 10.26
N PRO A 405 -20.06 0.37 9.21
CA PRO A 405 -20.15 -1.07 9.41
C PRO A 405 -18.84 -1.67 9.92
N GLU A 406 -18.96 -2.66 10.78
CA GLU A 406 -17.80 -3.37 11.30
C GLU A 406 -17.05 -4.07 10.15
N PRO A 407 -15.72 -4.02 10.13
CA PRO A 407 -14.98 -4.75 9.09
C PRO A 407 -15.14 -6.25 9.24
N LEU A 408 -15.23 -6.94 8.09
CA LEU A 408 -15.33 -8.39 8.05
C LEU A 408 -14.02 -9.04 8.50
N LYS A 409 -14.09 -10.35 8.78
CA LYS A 409 -12.90 -11.10 9.16
C LYS A 409 -11.95 -11.25 7.97
N ARG A 410 -10.64 -11.36 8.26
CA ARG A 410 -9.62 -11.56 7.23
C ARG A 410 -8.80 -12.81 7.58
N MET A 411 -9.34 -13.98 7.24
CA MET A 411 -8.67 -15.25 7.51
C MET A 411 -7.60 -15.53 6.46
N PRO A 412 -6.38 -15.84 6.86
CA PRO A 412 -5.42 -16.37 5.87
C PRO A 412 -5.82 -17.77 5.44
N ALA A 413 -5.54 -18.08 4.18
CA ALA A 413 -5.94 -19.37 3.63
C ALA A 413 -5.11 -20.50 4.23
N SER A 414 -5.76 -21.64 4.46
CA SER A 414 -5.09 -22.86 4.93
C SER A 414 -3.85 -23.13 4.10
N VAL A 415 -4.03 -23.22 2.79
CA VAL A 415 -2.98 -23.28 1.80
C VAL A 415 -3.18 -22.05 0.91
N ARG A 416 -2.24 -21.11 0.96
CA ARG A 416 -2.45 -19.86 0.22
C ARG A 416 -2.49 -20.11 -1.28
N THR A 417 -1.56 -20.89 -1.79
CA THR A 417 -1.35 -21.01 -3.24
C THR A 417 -1.30 -22.48 -3.64
N VAL A 418 -2.11 -22.84 -4.62
CA VAL A 418 -2.08 -24.16 -5.24
C VAL A 418 -1.41 -24.02 -6.60
N VAL A 419 -0.55 -24.97 -6.95
CA VAL A 419 0.23 -24.94 -8.18
C VAL A 419 0.00 -26.23 -8.95
N VAL A 420 -0.14 -26.11 -10.27
CA VAL A 420 -0.29 -27.27 -11.14
C VAL A 420 0.75 -27.16 -12.25
N PRO A 421 1.98 -27.63 -12.02
CA PRO A 421 2.98 -27.66 -13.09
C PRO A 421 2.63 -28.76 -14.08
N PRO A 422 3.31 -28.82 -15.22
CA PRO A 422 3.07 -29.93 -16.16
C PRO A 422 3.30 -31.27 -15.50
N PRO A 423 2.68 -32.34 -16.00
CA PRO A 423 2.82 -33.66 -15.36
C PRO A 423 4.27 -34.09 -15.28
N GLY A 424 4.68 -34.55 -14.09
CA GLY A 424 6.02 -35.01 -13.84
C GLY A 424 6.96 -33.97 -13.28
N VAL A 425 6.75 -32.70 -13.61
CA VAL A 425 7.62 -31.63 -13.12
C VAL A 425 7.43 -31.50 -11.61
N GLU A 426 8.52 -31.71 -10.88
CA GLU A 426 8.51 -31.59 -9.42
C GLU A 426 9.30 -30.33 -9.05
N LEU A 427 8.68 -29.44 -8.30
CA LEU A 427 9.29 -28.18 -7.91
C LEU A 427 9.34 -28.06 -6.40
N THR A 428 10.37 -27.37 -5.91
CA THR A 428 10.46 -27.02 -4.50
C THR A 428 9.54 -25.83 -4.25
N LEU A 429 8.53 -26.03 -3.44
CA LEU A 429 7.53 -24.99 -3.25
C LEU A 429 7.69 -24.31 -1.89
N PRO A 430 7.37 -23.02 -1.81
CA PRO A 430 7.30 -22.35 -0.50
C PRO A 430 6.33 -23.07 0.43
N LYS A 431 6.46 -22.77 1.73
CA LYS A 431 5.79 -23.58 2.75
C LYS A 431 4.27 -23.52 2.63
N ASN A 432 3.73 -22.38 2.21
CA ASN A 432 2.29 -22.22 2.11
C ASN A 432 1.76 -22.47 0.70
N CYS A 433 2.47 -23.23 -0.12
CA CYS A 433 1.98 -23.70 -1.40
C CYS A 433 1.86 -25.22 -1.41
N GLN A 434 1.15 -25.70 -2.44
CA GLN A 434 0.78 -27.10 -2.53
C GLN A 434 0.52 -27.44 -3.99
N HIS A 435 0.88 -28.66 -4.38
CA HIS A 435 0.47 -29.18 -5.68
C HIS A 435 -1.04 -29.39 -5.72
N SER A 436 -1.58 -29.50 -6.92
CA SER A 436 -3.04 -29.56 -7.16
C SER A 436 -3.82 -30.36 -6.11
N ASP A 438 -5.08 -33.68 -8.44
CA ASP A 438 -5.97 -34.60 -7.73
C ASP A 438 -7.43 -34.42 -8.16
N ILE A 439 -7.69 -34.61 -9.46
CA ILE A 439 -9.01 -34.36 -10.03
C ILE A 439 -10.02 -35.36 -9.44
N SER A 440 -11.14 -34.83 -8.96
CA SER A 440 -12.15 -35.63 -8.28
C SER A 440 -13.12 -36.29 -9.28
N GLU A 441 -14.12 -36.99 -8.72
CA GLU A 441 -15.10 -37.66 -9.56
C GLU A 441 -16.10 -36.67 -10.15
N SER A 442 -16.72 -35.85 -9.30
CA SER A 442 -17.66 -34.85 -9.78
C SER A 442 -16.99 -33.87 -10.74
N THR A 443 -15.77 -33.45 -10.41
CA THR A 443 -15.01 -32.57 -11.30
C THR A 443 -14.83 -33.22 -12.67
N ALA A 444 -14.48 -34.52 -12.69
CA ALA A 444 -14.26 -35.21 -13.96
C ALA A 444 -15.54 -35.30 -14.77
N LYS A 445 -16.69 -35.45 -14.11
CA LYS A 445 -17.96 -35.46 -14.83
C LYS A 445 -18.25 -34.10 -15.47
N GLU A 446 -17.85 -33.01 -14.82
CA GLU A 446 -18.11 -31.70 -15.41
C GLU A 446 -17.24 -31.44 -16.64
N VAL A 447 -16.00 -31.93 -16.64
CA VAL A 447 -15.17 -31.79 -17.83
C VAL A 447 -15.79 -32.55 -18.98
N GLN A 448 -16.37 -33.72 -18.69
CA GLN A 448 -17.05 -34.50 -19.71
C GLN A 448 -18.27 -33.74 -20.25
N ARG A 449 -19.11 -33.23 -19.35
CA ARG A 449 -20.24 -32.41 -19.77
C ARG A 449 -19.78 -31.22 -20.61
N ILE A 450 -18.72 -30.54 -20.19
CA ILE A 450 -18.24 -29.36 -20.91
C ILE A 450 -17.70 -29.76 -22.28
N ARG A 451 -16.98 -30.88 -22.36
CA ARG A 451 -16.41 -31.30 -23.64
C ARG A 451 -17.50 -31.62 -24.65
N ASP A 452 -18.52 -32.37 -24.22
CA ASP A 452 -19.58 -32.79 -25.14
C ASP A 452 -20.34 -31.59 -25.69
N LYS A 453 -20.59 -30.59 -24.85
CA LYS A 453 -21.41 -29.44 -25.27
C LYS A 453 -20.61 -28.47 -26.12
N HIS A 454 -19.38 -28.13 -25.73
CA HIS A 454 -18.69 -26.97 -26.28
C HIS A 454 -17.41 -27.27 -27.05
N PHE A 455 -16.81 -28.45 -26.87
CA PHE A 455 -15.61 -28.84 -27.60
C PHE A 455 -15.79 -30.30 -28.03
N HIS A 456 -16.64 -30.52 -29.04
CA HIS A 456 -17.00 -31.87 -29.44
C HIS A 456 -15.76 -32.66 -29.87
N ASP A 457 -14.89 -32.03 -30.67
CA ASP A 457 -13.73 -32.72 -31.22
C ASP A 457 -12.60 -32.93 -30.21
N LEU A 458 -12.59 -32.18 -29.11
CA LEU A 458 -11.47 -32.25 -28.16
C LEU A 458 -11.35 -33.65 -27.58
N THR A 459 -10.15 -34.22 -27.66
CA THR A 459 -9.87 -35.50 -27.03
C THR A 459 -8.43 -35.56 -26.50
N ASP A 460 -7.63 -34.56 -26.85
CA ASP A 460 -6.31 -34.32 -26.28
C ASP A 460 -6.33 -34.45 -24.75
N GLN A 461 -5.80 -35.55 -24.21
CA GLN A 461 -5.94 -35.82 -22.78
C GLN A 461 -5.03 -34.93 -21.92
N ASN A 462 -4.15 -34.12 -22.52
CA ASN A 462 -3.49 -33.06 -21.77
C ASN A 462 -4.48 -31.95 -21.47
N ILE A 463 -5.01 -31.33 -22.52
CA ILE A 463 -6.03 -30.29 -22.41
C ILE A 463 -7.09 -30.67 -21.39
N LEU A 464 -7.67 -31.88 -21.53
CA LEU A 464 -8.73 -32.27 -20.61
C LEU A 464 -8.24 -32.39 -19.18
N ARG A 465 -6.96 -32.73 -18.97
CA ARG A 465 -6.44 -32.74 -17.61
C ARG A 465 -6.37 -31.33 -17.04
N SER A 466 -5.86 -30.37 -17.83
CA SER A 466 -5.74 -29.00 -17.35
C SER A 466 -7.12 -28.41 -17.02
N LEU A 467 -8.14 -28.74 -17.83
CA LEU A 467 -9.48 -28.31 -17.52
C LEU A 467 -9.94 -28.83 -16.16
N GLY A 468 -9.59 -30.09 -15.84
CA GLY A 468 -9.89 -30.59 -14.51
C GLY A 468 -9.12 -29.89 -13.42
N ASN A 469 -7.88 -29.48 -13.72
CA ASN A 469 -7.10 -28.75 -12.72
C ASN A 469 -7.67 -27.36 -12.51
N ILE A 470 -8.05 -26.68 -13.59
CA ILE A 470 -8.64 -25.35 -13.49
C ILE A 470 -9.90 -25.38 -12.63
N ILE A 471 -10.83 -26.28 -12.95
CA ILE A 471 -12.08 -26.36 -12.20
C ILE A 471 -11.82 -26.76 -10.76
N SER A 472 -10.86 -27.67 -10.54
CA SER A 472 -10.55 -28.09 -9.18
C SER A 472 -9.95 -26.94 -8.38
N VAL A 473 -8.99 -26.21 -8.96
CA VAL A 473 -8.39 -25.07 -8.26
C VAL A 473 -9.43 -23.98 -7.99
N LEU A 474 -10.24 -23.65 -9.01
CA LEU A 474 -11.24 -22.59 -8.84
C LEU A 474 -12.24 -22.94 -7.75
N ASP A 475 -12.66 -24.21 -7.67
CA ASP A 475 -13.58 -24.63 -6.63
C ASP A 475 -12.97 -24.44 -5.24
N ARG A 476 -11.69 -24.79 -5.08
CA ARG A 476 -11.04 -24.56 -3.79
C ARG A 476 -10.89 -23.08 -3.50
N MET A 477 -10.66 -22.25 -4.53
CA MET A 477 -10.49 -20.82 -4.32
C MET A 477 -11.79 -20.14 -3.93
N MET A 478 -12.87 -20.41 -4.68
CA MET A 478 -14.13 -19.69 -4.50
C MET A 478 -15.02 -20.28 -3.41
N ARG A 479 -14.99 -21.59 -3.21
CA ARG A 479 -15.90 -22.25 -2.29
C ARG A 479 -15.21 -22.68 -0.99
N SER A 480 -14.05 -22.11 -0.69
CA SER A 480 -13.34 -22.46 0.53
C SER A 480 -12.44 -21.29 0.94
N ASP A 481 -12.37 -21.06 2.25
CA ASP A 481 -11.38 -20.16 2.82
C ASP A 481 -10.04 -20.85 3.03
N GLU A 482 -9.88 -22.06 2.49
CA GLU A 482 -8.66 -22.82 2.68
C GLU A 482 -7.61 -22.56 1.61
N VAL A 483 -8.03 -22.24 0.39
CA VAL A 483 -7.13 -21.89 -0.70
C VAL A 483 -7.45 -20.49 -1.18
N CYS A 484 -6.40 -19.67 -1.37
CA CYS A 484 -6.58 -18.28 -1.78
C CYS A 484 -6.44 -18.10 -3.28
N ASN A 485 -5.37 -18.58 -3.87
CA ASN A 485 -5.14 -18.35 -5.29
C ASN A 485 -4.39 -19.53 -5.88
N GLY A 486 -4.04 -19.43 -7.15
CA GLY A 486 -3.54 -20.60 -7.83
C GLY A 486 -2.86 -20.27 -9.14
N CYS A 487 -2.03 -21.20 -9.57
CA CYS A 487 -1.37 -21.12 -10.87
C CYS A 487 -1.44 -22.48 -11.53
N VAL A 488 -1.86 -22.49 -12.80
CA VAL A 488 -1.96 -23.71 -13.59
C VAL A 488 -1.21 -23.46 -14.89
N VAL A 489 -0.30 -24.37 -15.24
CA VAL A 489 0.35 -24.36 -16.55
C VAL A 489 -0.55 -25.11 -17.54
N VAL A 490 -0.81 -24.49 -18.69
CA VAL A 490 -1.76 -25.03 -19.66
C VAL A 490 -1.08 -25.09 -21.03
N SER A 491 -1.73 -25.81 -21.94
CA SER A 491 -1.25 -26.02 -23.30
C SER A 491 -1.98 -25.14 -24.30
N ASP A 492 -3.30 -25.28 -24.39
CA ASP A 492 -4.10 -24.48 -25.32
C ASP A 492 -4.82 -23.39 -24.53
N LEU A 493 -4.60 -22.15 -24.96
CA LEU A 493 -5.16 -21.00 -24.25
C LEU A 493 -6.68 -20.92 -24.42
N SER A 494 -7.18 -21.11 -25.65
CA SER A 494 -8.59 -20.83 -25.93
C SER A 494 -9.53 -21.66 -25.07
N VAL A 495 -9.29 -22.97 -25.01
CA VAL A 495 -10.18 -23.84 -24.25
C VAL A 495 -10.05 -23.58 -22.76
N SER A 496 -8.83 -23.42 -22.27
CA SER A 496 -8.61 -23.23 -20.83
C SER A 496 -9.14 -21.88 -20.37
N VAL A 497 -8.95 -20.84 -21.17
CA VAL A 497 -9.47 -19.51 -20.81
C VAL A 497 -10.99 -19.55 -20.75
N GLN A 498 -11.62 -20.13 -21.78
CA GLN A 498 -13.07 -20.22 -21.81
C GLN A 498 -13.60 -21.00 -20.60
N CYS A 499 -12.95 -22.11 -20.25
CA CYS A 499 -13.43 -22.91 -19.13
CA CYS A 499 -13.43 -22.91 -19.13
C CYS A 499 -13.20 -22.20 -17.80
N ALA A 500 -12.04 -21.57 -17.63
CA ALA A 500 -11.81 -20.83 -16.40
C ALA A 500 -12.83 -19.71 -16.22
N LEU A 501 -13.03 -18.91 -17.28
CA LEU A 501 -13.92 -17.76 -17.21
C LEU A 501 -15.35 -18.20 -16.96
N GLN A 502 -15.88 -19.07 -17.83
CA GLN A 502 -17.26 -19.50 -17.71
C GLN A 502 -17.53 -20.20 -16.37
N HIS A 503 -16.55 -20.97 -15.88
CA HIS A 503 -16.78 -21.65 -14.61
C HIS A 503 -16.80 -20.66 -13.45
N ALA A 504 -15.98 -19.62 -13.52
CA ALA A 504 -16.00 -18.60 -12.47
C ALA A 504 -17.28 -17.78 -12.52
N LEU A 505 -17.79 -17.49 -13.72
CA LEU A 505 -18.98 -16.67 -13.84
C LEU A 505 -20.26 -17.37 -13.37
N THR A 506 -20.20 -18.67 -13.05
CA THR A 506 -21.38 -19.37 -12.56
C THR A 506 -21.23 -19.88 -11.13
N GLU A 507 -20.07 -19.70 -10.51
CA GLU A 507 -19.91 -20.06 -9.10
C GLU A 507 -20.93 -19.44 -8.15
N PRO A 508 -21.39 -18.17 -8.31
CA PRO A 508 -21.01 -17.15 -9.29
C PRO A 508 -19.98 -16.15 -8.78
N ALA A 509 -19.11 -15.70 -9.68
CA ALA A 509 -18.28 -14.52 -9.46
C ALA A 509 -18.93 -13.37 -10.19
N GLU A 510 -19.53 -12.44 -9.44
CA GLU A 510 -20.29 -11.36 -10.06
C GLU A 510 -19.47 -10.60 -11.09
N ARG A 511 -18.15 -10.49 -10.86
CA ARG A 511 -17.27 -9.74 -11.77
C ARG A 511 -15.89 -10.37 -11.80
N VAL A 512 -15.31 -10.43 -12.98
CA VAL A 512 -14.01 -11.06 -13.20
C VAL A 512 -13.11 -10.08 -13.94
N LEU A 513 -11.94 -9.80 -13.37
CA LEU A 513 -10.93 -9.01 -14.06
C LEU A 513 -9.97 -9.96 -14.76
N VAL A 514 -9.81 -9.78 -16.07
CA VAL A 514 -8.88 -10.59 -16.84
C VAL A 514 -7.67 -9.74 -17.20
N VAL A 515 -6.48 -10.25 -16.91
CA VAL A 515 -5.24 -9.57 -17.25
C VAL A 515 -4.45 -10.50 -18.17
N TYR A 516 -4.30 -10.09 -19.42
CA TYR A 516 -3.78 -10.95 -20.47
C TYR A 516 -2.50 -10.35 -21.01
N VAL A 517 -1.40 -11.08 -20.91
CA VAL A 517 -0.15 -10.71 -21.55
C VAL A 517 0.00 -11.57 -22.79
N GLY A 518 -0.25 -10.99 -23.95
CA GLY A 518 -0.20 -11.73 -25.19
C GLY A 518 -0.96 -11.02 -26.28
N ASP A 519 -0.82 -11.57 -27.48
CA ASP A 519 -1.49 -11.03 -28.65
C ASP A 519 -2.66 -11.91 -29.05
N GLY A 520 -3.42 -11.44 -30.01
CA GLY A 520 -4.60 -12.17 -30.46
C GLY A 520 -5.80 -11.86 -29.59
N GLU A 521 -6.93 -12.45 -29.98
CA GLU A 521 -8.19 -12.28 -29.28
C GLU A 521 -8.50 -13.54 -28.50
N LEU A 522 -9.09 -13.37 -27.33
CA LEU A 522 -9.44 -14.45 -26.44
C LEU A 522 -10.93 -14.71 -26.47
N PRO A 523 -11.38 -15.91 -26.08
CA PRO A 523 -12.82 -16.15 -25.92
C PRO A 523 -13.38 -15.41 -24.72
N VAL A 524 -13.32 -14.07 -24.76
CA VAL A 524 -13.74 -13.22 -23.64
C VAL A 524 -14.69 -12.17 -24.19
N LYS A 525 -15.95 -12.23 -23.78
CA LYS A 525 -16.93 -11.21 -24.15
C LYS A 525 -16.99 -10.14 -23.06
N THR A 526 -16.82 -8.87 -23.46
CA THR A 526 -16.83 -7.76 -22.52
C THR A 526 -18.06 -6.87 -22.68
N ASN A 527 -19.19 -7.46 -23.08
CA ASN A 527 -20.38 -6.66 -23.36
C ASN A 527 -21.27 -6.44 -22.13
N ASP A 528 -21.38 -7.41 -21.23
CA ASP A 528 -22.41 -7.37 -20.19
C ASP A 528 -21.97 -6.72 -18.89
N GLY A 529 -20.77 -6.15 -18.82
CA GLY A 529 -20.33 -5.52 -17.59
C GLY A 529 -19.76 -6.46 -16.53
N LYS A 530 -19.76 -7.77 -16.76
CA LYS A 530 -19.25 -8.67 -15.75
C LYS A 530 -17.75 -8.93 -15.88
N VAL A 531 -17.14 -8.52 -16.98
CA VAL A 531 -15.74 -8.80 -17.25
C VAL A 531 -15.08 -7.50 -17.65
N PHE A 532 -13.91 -7.21 -17.06
CA PHE A 532 -13.04 -6.17 -17.58
C PHE A 532 -11.76 -6.84 -18.04
N LEU A 533 -11.30 -6.50 -19.23
CA LEU A 533 -10.11 -7.12 -19.82
C LEU A 533 -8.98 -6.12 -19.95
N VAL A 534 -7.87 -6.37 -19.26
CA VAL A 534 -6.61 -5.68 -19.49
C VAL A 534 -5.75 -6.55 -20.39
N GLN A 535 -5.23 -5.98 -21.49
CA GLN A 535 -4.40 -6.72 -22.42
C GLN A 535 -3.10 -5.97 -22.67
N ILE A 536 -1.98 -6.61 -22.36
CA ILE A 536 -0.64 -6.12 -22.68
C ILE A 536 -0.18 -6.86 -23.93
N CYS A 537 -0.01 -6.15 -25.04
CA CYS A 537 0.29 -6.81 -26.30
C CYS A 537 1.35 -6.03 -27.06
N THR A 538 1.77 -6.63 -28.19
CA THR A 538 2.80 -6.08 -29.06
C THR A 538 2.24 -5.30 -30.24
N LYS A 539 1.01 -5.58 -30.65
CA LYS A 539 0.41 -4.96 -31.84
C LYS A 539 -0.46 -3.80 -31.41
N GLU A 540 -0.32 -2.67 -32.10
CA GLU A 540 -1.16 -1.51 -31.85
C GLU A 540 -2.55 -1.78 -32.40
N THR A 541 -3.55 -1.87 -31.52
CA THR A 541 -4.93 -2.12 -31.91
C THR A 541 -5.83 -1.16 -31.14
N GLU A 542 -6.69 -0.45 -31.87
CA GLU A 542 -7.61 0.49 -31.26
C GLU A 542 -8.76 -0.27 -30.62
N ASP A 543 -8.92 -0.13 -29.30
CA ASP A 543 -10.08 -0.69 -28.61
C ASP A 543 -11.24 0.31 -28.66
N LYS A 544 -12.45 -0.22 -28.60
CA LYS A 544 -13.62 0.56 -28.97
C LYS A 544 -14.57 0.86 -27.82
N CYS A 545 -14.55 0.09 -26.72
CA CYS A 545 -15.46 0.33 -25.62
C CYS A 545 -14.72 0.33 -24.29
N VAL A 546 -15.44 0.72 -23.25
CA VAL A 546 -14.82 1.14 -21.99
C VAL A 546 -14.68 -0.03 -21.01
N ASN A 547 -14.81 -1.27 -21.47
CA ASN A 547 -14.52 -2.40 -20.59
C ASN A 547 -13.28 -3.16 -21.04
N ARG A 548 -12.45 -2.52 -21.84
CA ARG A 548 -11.17 -3.07 -22.25
C ARG A 548 -10.11 -2.00 -22.11
N LEU A 549 -8.93 -2.40 -21.66
CA LEU A 549 -7.75 -1.54 -21.63
C LEU A 549 -6.65 -2.31 -22.35
N THR A 550 -6.28 -1.86 -23.55
CA THR A 550 -5.26 -2.52 -24.34
C THR A 550 -4.01 -1.64 -24.33
N LEU A 551 -2.89 -2.23 -23.92
CA LEU A 551 -1.63 -1.52 -23.73
C LEU A 551 -0.62 -2.06 -24.72
N CYS A 552 -0.22 -1.23 -25.67
CA CYS A 552 0.76 -1.58 -26.71
C CYS A 552 2.03 -0.84 -26.37
N LEU A 553 2.96 -1.52 -25.73
CA LEU A 553 4.21 -0.90 -25.27
C LEU A 553 5.34 -1.19 -26.24
N ARG A 554 6.02 -0.13 -26.69
CA ARG A 554 7.16 -0.26 -27.59
C ARG A 554 8.23 -1.17 -27.00
N GLU A 555 8.75 -2.07 -27.83
CA GLU A 555 9.87 -2.91 -27.43
C GLU A 555 11.11 -2.07 -27.20
N GLY A 556 11.92 -2.47 -26.24
CA GLY A 556 13.17 -1.77 -25.95
C GLY A 556 13.52 -1.86 -24.47
N GLU A 557 14.59 -1.16 -24.12
CA GLU A 557 15.10 -1.12 -22.76
C GLU A 557 14.17 -0.37 -21.79
N SER A 558 13.07 0.20 -22.28
CA SER A 558 12.18 1.01 -21.46
C SER A 558 10.83 0.33 -21.19
N LEU A 559 10.68 -0.94 -21.56
CA LEU A 559 9.42 -1.64 -21.32
C LEU A 559 9.07 -1.65 -19.84
N THR A 560 10.08 -1.76 -18.99
CA THR A 560 9.82 -1.93 -17.56
C THR A 560 9.20 -0.69 -16.95
N ALA A 561 9.80 0.48 -17.20
CA ALA A 561 9.25 1.71 -16.63
C ALA A 561 7.87 2.00 -17.20
N GLY A 562 7.68 1.74 -18.50
CA GLY A 562 6.38 1.97 -19.11
C GLY A 562 5.30 1.12 -18.48
N PHE A 563 5.58 -0.17 -18.30
CA PHE A 563 4.60 -1.07 -17.70
C PHE A 563 4.28 -0.66 -16.26
N MET A 564 5.32 -0.35 -15.47
CA MET A 564 5.08 0.15 -14.12
C MET A 564 4.20 1.39 -14.13
N GLN A 565 4.44 2.29 -15.09
CA GLN A 565 3.62 3.51 -15.17
C GLN A 565 2.18 3.17 -15.54
N ALA A 566 1.98 2.23 -16.48
CA ALA A 566 0.65 1.77 -16.84
C ALA A 566 -0.02 1.07 -15.67
N LEU A 567 0.76 0.29 -14.90
CA LEU A 567 0.19 -0.50 -13.81
C LEU A 567 -0.34 0.39 -12.69
N LEU A 568 0.47 1.36 -12.25
CA LEU A 568 0.07 2.19 -11.13
C LEU A 568 -0.98 3.23 -11.55
N GLY A 569 -0.88 3.74 -12.78
CA GLY A 569 -1.72 4.85 -13.21
C GLY A 569 -2.95 4.52 -14.02
N LEU A 570 -3.03 3.31 -14.58
CA LEU A 570 -4.18 2.88 -15.37
C LEU A 570 -4.79 1.57 -14.85
N ILE A 571 -3.98 0.52 -14.75
CA ILE A 571 -4.53 -0.80 -14.43
C ILE A 571 -5.12 -0.80 -13.02
N LEU A 572 -4.32 -0.44 -12.03
CA LEU A 572 -4.82 -0.49 -10.67
C LEU A 572 -6.02 0.44 -10.43
N PRO A 573 -6.03 1.70 -10.90
CA PRO A 573 -7.25 2.51 -10.72
C PRO A 573 -8.50 1.86 -11.30
N VAL A 574 -8.43 1.34 -12.52
CA VAL A 574 -9.61 0.68 -13.08
C VAL A 574 -9.95 -0.58 -12.29
N ALA A 575 -8.93 -1.42 -11.97
CA ALA A 575 -9.22 -2.67 -11.28
C ALA A 575 -9.91 -2.41 -9.94
N TYR A 576 -9.42 -1.42 -9.21
CA TYR A 576 -10.00 -1.12 -7.90
C TYR A 576 -11.44 -0.64 -8.03
N GLU A 577 -11.73 0.22 -9.00
CA GLU A 577 -13.11 0.69 -9.16
C GLU A 577 -14.02 -0.45 -9.62
N PHE A 578 -13.57 -1.27 -10.57
CA PHE A 578 -14.31 -2.45 -11.02
C PHE A 578 -14.66 -3.39 -9.87
N ASN A 579 -13.74 -3.58 -8.93
CA ASN A 579 -13.91 -4.43 -7.76
C ASN A 579 -14.30 -5.86 -8.18
N PRO A 580 -13.41 -6.59 -8.85
CA PRO A 580 -13.77 -7.96 -9.27
C PRO A 580 -13.86 -8.91 -8.09
N ALA A 581 -14.58 -10.02 -8.31
CA ALA A 581 -14.61 -11.13 -7.36
C ALA A 581 -13.53 -12.16 -7.63
N LEU A 582 -12.94 -12.14 -8.82
CA LEU A 582 -11.85 -13.03 -9.19
C LEU A 582 -10.98 -12.28 -10.18
N VAL A 583 -9.67 -12.50 -10.12
CA VAL A 583 -8.74 -12.02 -11.13
C VAL A 583 -8.25 -13.22 -11.92
N LEU A 584 -8.29 -13.14 -13.24
CA LEU A 584 -7.80 -14.20 -14.11
C LEU A 584 -6.59 -13.66 -14.85
N GLY A 585 -5.40 -14.14 -14.48
CA GLY A 585 -4.18 -13.81 -15.21
C GLY A 585 -3.87 -14.86 -16.27
N ILE A 586 -3.37 -14.39 -17.41
CA ILE A 586 -3.12 -15.22 -18.59
C ILE A 586 -1.87 -14.70 -19.28
N VAL A 587 -0.94 -15.61 -19.59
CA VAL A 587 0.32 -15.26 -20.27
C VAL A 587 0.52 -16.23 -21.43
N GLU A 588 0.55 -15.71 -22.65
CA GLU A 588 0.80 -16.56 -23.80
C GLU A 588 2.28 -16.93 -23.86
N GLU A 589 2.56 -18.12 -24.42
CA GLU A 589 3.92 -18.67 -24.42
C GLU A 589 4.89 -17.76 -25.18
N THR A 590 4.44 -17.19 -26.29
CA THR A 590 5.30 -16.34 -27.10
C THR A 590 5.70 -15.04 -26.40
N ALA A 591 5.25 -14.80 -25.16
CA ALA A 591 5.48 -13.53 -24.48
C ALA A 591 6.15 -13.69 -23.12
N ALA A 592 6.70 -14.87 -22.81
CA ALA A 592 7.36 -15.10 -21.52
C ALA A 592 8.77 -14.54 -21.47
N LYS A 593 9.37 -14.20 -22.61
CA LYS A 593 10.71 -13.62 -22.64
C LYS A 593 10.65 -12.09 -22.76
N LEU A 596 10.45 -9.03 -21.92
CA LEU A 596 10.82 -8.37 -20.67
C LEU A 596 9.64 -8.37 -19.71
N MET A 597 9.57 -9.40 -18.87
CA MET A 597 8.46 -9.58 -17.94
C MET A 597 8.95 -9.59 -16.49
N ARG A 598 10.03 -8.85 -16.21
CA ARG A 598 10.55 -8.59 -14.87
C ARG A 598 9.59 -7.74 -14.02
N VAL A 599 8.44 -7.36 -14.58
CA VAL A 599 7.40 -6.66 -13.84
C VAL A 599 6.35 -7.62 -13.30
N TRP A 600 6.36 -8.88 -13.73
CA TRP A 600 5.25 -9.79 -13.43
C TRP A 600 5.05 -9.97 -11.93
N GLY A 601 6.15 -9.99 -11.16
CA GLY A 601 6.01 -10.20 -9.73
C GLY A 601 5.39 -9.03 -9.01
N HIS A 602 5.69 -7.81 -9.48
CA HIS A 602 5.06 -6.62 -8.92
C HIS A 602 3.57 -6.59 -9.24
N MET A 603 3.21 -6.91 -10.48
CA MET A 603 1.80 -6.93 -10.84
C MET A 603 1.05 -7.99 -10.03
N THR A 604 1.60 -9.20 -9.97
CA THR A 604 0.95 -10.27 -9.24
C THR A 604 0.76 -9.91 -7.78
N CYS A 605 1.75 -9.22 -7.19
CA CYS A 605 1.61 -8.82 -5.79
CA CYS A 605 1.60 -8.83 -5.80
C CYS A 605 0.58 -7.71 -5.63
N LEU A 606 0.65 -6.67 -6.48
CA LEU A 606 -0.26 -5.54 -6.32
C LEU A 606 -1.70 -5.90 -6.69
N ILE A 607 -1.89 -6.73 -7.71
CA ILE A 607 -3.23 -7.09 -8.14
C ILE A 607 -3.95 -7.98 -7.12
N GLN A 608 -3.22 -8.55 -6.15
CA GLN A 608 -3.87 -9.27 -5.07
C GLN A 608 -4.58 -8.35 -4.08
N GLY A 609 -4.45 -7.03 -4.23
CA GLY A 609 -5.35 -6.14 -3.51
C GLY A 609 -6.80 -6.21 -3.96
N LEU A 610 -7.06 -6.82 -5.12
CA LEU A 610 -8.41 -7.04 -5.62
C LEU A 610 -8.89 -8.45 -5.26
N ALA A 611 -10.21 -8.61 -5.17
CA ALA A 611 -10.87 -9.91 -5.03
C ALA A 611 -10.37 -10.71 -3.83
N ARG A 612 -10.00 -10.03 -2.73
CA ARG A 612 -9.45 -10.71 -1.55
C ARG A 612 -8.27 -11.62 -1.92
N GLY A 613 -7.50 -11.23 -2.92
CA GLY A 613 -6.36 -12.02 -3.34
C GLY A 613 -6.68 -13.22 -4.20
N ARG A 614 -7.94 -13.43 -4.58
CA ARG A 614 -8.34 -14.61 -5.35
C ARG A 614 -7.93 -14.40 -6.80
N MET A 615 -6.74 -14.90 -7.15
CA MET A 615 -6.22 -14.78 -8.49
C MET A 615 -5.86 -16.16 -9.04
N LEU A 616 -6.34 -16.47 -10.24
CA LEU A 616 -5.92 -17.66 -10.95
C LEU A 616 -5.08 -17.23 -12.14
N THR A 617 -3.86 -17.76 -12.22
CA THR A 617 -2.97 -17.47 -13.33
C THR A 617 -2.82 -18.70 -14.21
N LEU A 618 -3.02 -18.51 -15.51
CA LEU A 618 -2.80 -19.55 -16.52
C LEU A 618 -1.53 -19.19 -17.29
N LEU A 619 -0.51 -20.02 -17.17
CA LEU A 619 0.73 -19.86 -17.93
C LEU A 619 0.71 -20.87 -19.07
N GLN A 620 0.80 -20.38 -20.30
CA GLN A 620 0.84 -21.24 -21.46
C GLN A 620 2.28 -21.71 -21.70
N GLY A 621 2.50 -23.03 -21.61
CA GLY A 621 3.83 -23.60 -21.78
C GLY A 621 4.65 -23.53 -20.51
N TYR A 622 5.62 -24.44 -20.37
CA TYR A 622 6.42 -24.50 -19.16
C TYR A 622 7.59 -23.53 -19.26
N ASP A 623 7.68 -22.63 -18.27
CA ASP A 623 8.88 -21.84 -18.01
C ASP A 623 9.12 -21.94 -16.52
N LYS A 624 10.24 -22.56 -16.13
CA LYS A 624 10.52 -22.75 -14.70
C LYS A 624 10.59 -21.42 -13.97
N ASP A 625 11.30 -20.45 -14.56
CA ASP A 625 11.52 -19.17 -13.88
C ASP A 625 10.23 -18.38 -13.73
N LEU A 626 9.41 -18.33 -14.79
CA LEU A 626 8.15 -17.60 -14.70
C LEU A 626 7.19 -18.29 -13.73
N LEU A 627 7.11 -19.62 -13.80
CA LEU A 627 6.30 -20.35 -12.84
C LEU A 627 6.81 -20.14 -11.43
N GLU A 628 8.13 -20.09 -11.26
CA GLU A 628 8.69 -19.87 -9.92
C GLU A 628 8.35 -18.48 -9.42
N LEU A 629 8.52 -17.47 -10.27
CA LEU A 629 8.21 -16.09 -9.88
C LEU A 629 6.73 -15.92 -9.57
N THR A 630 5.85 -16.45 -10.43
CA THR A 630 4.42 -16.36 -10.22
C THR A 630 4.00 -16.97 -8.89
N VAL A 631 4.46 -18.20 -8.62
CA VAL A 631 4.12 -18.89 -7.37
C VAL A 631 4.62 -18.10 -6.16
N SER A 632 5.83 -17.54 -6.27
CA SER A 632 6.40 -16.79 -5.16
C SER A 632 5.56 -15.56 -4.84
N ALA A 633 5.17 -14.81 -5.87
CA ALA A 633 4.35 -13.62 -5.64
C ALA A 633 2.96 -13.98 -5.16
N LEU A 634 2.35 -15.02 -5.74
CA LEU A 634 1.03 -15.44 -5.30
C LEU A 634 1.04 -15.85 -3.83
N SER A 635 2.13 -16.46 -3.38
CA SER A 635 2.20 -17.02 -2.03
C SER A 635 2.50 -15.96 -0.97
N GLY A 636 2.76 -14.72 -1.38
CA GLY A 636 3.03 -13.68 -0.42
C GLY A 636 4.49 -13.46 -0.08
N ALA A 637 5.41 -14.06 -0.83
CA ALA A 637 6.83 -13.85 -0.58
C ALA A 637 7.24 -12.44 -0.97
N SER A 638 8.40 -12.02 -0.46
CA SER A 638 8.98 -10.73 -0.79
C SER A 638 9.24 -10.65 -2.29
N ILE A 639 9.14 -9.44 -2.84
CA ILE A 639 9.38 -9.18 -4.25
C ILE A 639 10.72 -8.47 -4.38
N SER A 640 11.57 -8.94 -5.28
CA SER A 640 12.85 -8.30 -5.50
C SER A 640 12.66 -6.91 -6.09
N PRO A 641 13.43 -5.92 -5.66
CA PRO A 641 13.29 -4.56 -6.20
C PRO A 641 13.60 -4.52 -7.69
N LEU A 642 13.02 -3.52 -8.36
CA LEU A 642 13.32 -3.31 -9.77
C LEU A 642 14.56 -2.46 -9.99
N GLY A 643 15.04 -1.76 -8.96
CA GLY A 643 16.16 -0.88 -9.08
C GLY A 643 15.91 0.27 -10.03
N PRO A 644 16.96 0.74 -10.69
CA PRO A 644 16.85 1.86 -11.63
C PRO A 644 16.44 1.41 -13.03
N LEU A 645 15.69 2.29 -13.71
CA LEU A 645 15.12 1.98 -15.02
C LEU A 645 15.17 3.19 -15.93
N ARG A 646 15.55 2.94 -17.18
CA ARG A 646 15.37 3.91 -18.26
C ARG A 646 13.94 4.40 -18.29
N ALA A 647 13.76 5.71 -18.05
CA ALA A 647 12.45 6.38 -17.99
C ALA A 647 11.60 6.03 -19.21
N PRO A 648 10.28 6.13 -19.13
CA PRO A 648 9.43 5.58 -20.20
C PRO A 648 9.54 6.36 -21.49
N LYS A 649 9.35 5.65 -22.60
CA LYS A 649 9.29 6.24 -23.92
C LYS A 649 8.16 7.27 -23.99
N PRO A 650 8.38 8.41 -24.66
CA PRO A 650 7.27 9.39 -24.78
C PRO A 650 6.12 8.87 -25.63
N GLU A 651 6.37 7.98 -26.58
CA GLU A 651 5.29 7.34 -27.30
C GLU A 651 4.44 6.47 -26.37
N ASP A 652 5.07 5.83 -25.38
CA ASP A 652 4.33 5.03 -24.41
C ASP A 652 3.48 5.89 -23.50
N VAL A 653 4.04 6.99 -22.99
CA VAL A 653 3.28 7.91 -22.16
C VAL A 653 2.12 8.49 -22.93
N GLU A 654 2.33 8.82 -24.21
CA GLU A 654 1.23 9.30 -25.05
C GLU A 654 0.13 8.25 -25.19
N MET A 655 0.52 7.01 -25.50
CA MET A 655 -0.43 5.90 -25.58
C MET A 655 -1.23 5.76 -24.29
N MET A 656 -0.54 5.85 -23.14
CA MET A 656 -1.21 5.65 -21.85
C MET A 656 -2.13 6.82 -21.53
N GLU A 657 -1.74 8.05 -21.86
CA GLU A 657 -2.63 9.17 -21.55
C GLU A 657 -3.85 9.19 -22.46
N LYS A 658 -3.70 8.72 -23.70
CA LYS A 658 -4.88 8.54 -24.56
C LYS A 658 -5.83 7.49 -23.98
N GLN A 659 -5.28 6.44 -23.35
CA GLN A 659 -6.16 5.47 -22.67
C GLN A 659 -6.89 6.13 -21.51
N ARG A 660 -6.18 6.95 -20.72
CA ARG A 660 -6.85 7.62 -19.61
C ARG A 660 -7.94 8.54 -20.12
N GLN A 661 -7.68 9.30 -21.18
CA GLN A 661 -8.72 10.18 -21.72
C GLN A 661 -9.94 9.39 -22.17
N ARG A 662 -9.72 8.21 -22.78
CA ARG A 662 -10.81 7.41 -23.32
C ARG A 662 -11.62 6.73 -22.22
N LEU A 663 -10.99 6.41 -21.08
CA LEU A 663 -11.62 5.60 -20.05
C LEU A 663 -12.07 6.38 -18.81
N GLN A 664 -11.55 7.59 -18.59
CA GLN A 664 -11.74 8.20 -17.27
C GLN A 664 -13.15 8.73 -17.05
N GLU A 665 -13.94 8.96 -18.11
CA GLU A 665 -15.33 9.35 -17.86
C GLU A 665 -16.12 8.18 -17.28
N ARG A 666 -15.82 6.96 -17.71
CA ARG A 666 -16.47 5.79 -17.12
C ARG A 666 -15.83 5.40 -15.79
N TRP A 667 -14.49 5.40 -15.73
CA TRP A 667 -13.74 4.93 -14.57
C TRP A 667 -13.08 6.16 -13.93
N GLY A 668 -13.83 6.84 -13.07
CA GLY A 668 -13.39 8.10 -12.49
C GLY A 668 -12.14 8.00 -11.64
N LEU A 669 -11.81 6.81 -11.13
CA LEU A 669 -10.59 6.69 -10.33
C LEU A 669 -9.34 6.89 -11.17
N LEU A 670 -9.48 6.91 -12.50
CA LEU A 670 -8.37 7.25 -13.39
C LEU A 670 -8.03 8.73 -13.39
N ARG A 671 -8.93 9.60 -12.91
CA ARG A 671 -8.72 11.04 -13.05
C ARG A 671 -7.60 11.53 -12.13
N CYS A 672 -6.71 12.35 -12.68
CA CYS A 672 -5.74 13.07 -11.89
C CYS A 672 -5.69 14.55 -12.27
N THR A 673 -6.79 15.08 -12.81
CA THR A 673 -7.04 16.50 -13.03
C THR A 673 -8.51 16.78 -12.75
N VAL A 674 -8.83 18.04 -12.44
CA VAL A 674 -10.24 18.42 -12.33
C VAL A 674 -10.86 18.41 -13.72
N SER A 675 -12.06 17.85 -13.84
CA SER A 675 -12.73 17.82 -15.13
C SER A 675 -13.17 19.22 -15.55
N GLU A 676 -13.11 19.47 -16.86
CA GLU A 676 -13.68 20.70 -17.40
C GLU A 676 -15.20 20.64 -17.34
N SER A 677 -15.81 21.66 -16.73
CA SER A 677 -17.26 21.77 -16.75
C SER A 677 -17.72 22.38 -18.07
N TRP A 678 -18.92 22.00 -18.49
CA TRP A 678 -19.50 22.51 -19.73
C TRP A 678 -19.68 24.03 -19.67
#